data_2GVY
#
_entry.id   2GVY
#
_cell.length_a   65.451
_cell.length_b   101.149
_cell.length_c   75.185
_cell.angle_alpha   90.00
_cell.angle_beta   103.89
_cell.angle_gamma   90.00
#
_symmetry.space_group_name_H-M   'P 1 21 1'
#
loop_
_entity.id
_entity.type
_entity.pdbx_description
1 polymer 'Alpha-amylase A'
2 branched alpha-D-glucopyranose-(1-4)-beta-D-glucopyranose
3 branched alpha-D-glucopyranose-(1-4)-alpha-D-glucopyranose
4 non-polymer 2-acetamido-2-deoxy-beta-D-glucopyranose
5 non-polymer 'CALCIUM ION'
6 water water
#
_entity_poly.entity_id   1
_entity_poly.type   'polypeptide(L)'
_entity_poly.pdbx_seq_one_letter_code
;ATPADWRSQSIYFLLTDRFARTDGSTTATCNTADQKYCGGTWQGIIDKLDYIQGMGFTAIWITPVTAQLPQTTAYGDAYH
GYWQQDIYSLNENYGTADDLKALSSALHERGMYLMVDVVANHMGYDGAGSSVDYSVFKPFSSQDYFHPFCFIQNYEDQTQ
VEDCWLGDNTVSLPDLDTTKDVVKNEWYDWVGSLVSNYSIDGLRIDTVKHVQKDFWPGYNKAAGVYCIGEVLDGDPAYTC
PYQNVMDGVLNYPIYYPLLNAFKSTSGSMDDLYNMINTVKSDCPDSTLLGTFVENHDNPRFASYTNDIALAKNVAAFIIL
NDGIPIIYAGQEQHYAGGNDPANREATWLSGYPTDSELYKLIASANAIRNYAISKDTGFVTYKNWPIYKDDTTIAMRKGT
DGSQIVTILSNKGASGDSYTLSLSGAGYTAGQQLTEVIGCTTVTVGSDGNVPVPMAGGLPRVLYPTEKLAGSKICSSS
;
_entity_poly.pdbx_strand_id   A,B
#
loop_
_chem_comp.id
_chem_comp.type
_chem_comp.name
_chem_comp.formula
BGC D-saccharide, beta linking beta-D-glucopyranose 'C6 H12 O6'
CA non-polymer 'CALCIUM ION' 'Ca 2'
GLC D-saccharide, alpha linking alpha-D-glucopyranose 'C6 H12 O6'
NAG D-saccharide, beta linking 2-acetamido-2-deoxy-beta-D-glucopyranose 'C8 H15 N O6'
#
# COMPACT_ATOMS: atom_id res chain seq x y z
N ALA A 1 2.95 -13.72 -0.56
CA ALA A 1 1.82 -13.33 -1.49
C ALA A 1 1.44 -11.92 -1.10
N THR A 2 0.95 -11.16 -2.10
CA THR A 2 0.81 -9.73 -1.93
C THR A 2 -0.53 -9.45 -1.33
N PRO A 3 -0.74 -8.23 -0.82
CA PRO A 3 -2.07 -7.75 -0.45
C PRO A 3 -3.13 -8.06 -1.49
N ALA A 4 -2.89 -7.71 -2.74
CA ALA A 4 -3.87 -8.00 -3.79
C ALA A 4 -4.18 -9.48 -3.87
N ASP A 5 -3.13 -10.31 -3.70
CA ASP A 5 -3.28 -11.76 -3.74
C ASP A 5 -4.18 -12.18 -2.61
N TRP A 6 -3.98 -11.57 -1.45
CA TRP A 6 -4.71 -11.95 -0.25
C TRP A 6 -6.21 -11.52 -0.23
N ARG A 7 -6.59 -10.52 -1.03
CA ARG A 7 -7.98 -10.04 -1.04
C ARG A 7 -8.96 -11.18 -1.26
N SER A 8 -8.59 -12.14 -2.10
CA SER A 8 -9.54 -13.19 -2.48
C SER A 8 -9.58 -14.37 -1.52
N GLN A 9 -8.77 -14.31 -0.45
CA GLN A 9 -8.57 -15.49 0.37
C GLN A 9 -9.66 -15.57 1.46
N SER A 10 -9.81 -16.76 2.00
CA SER A 10 -10.66 -17.01 3.15
C SER A 10 -9.84 -17.85 4.14
N ILE A 11 -9.69 -17.34 5.38
CA ILE A 11 -8.83 -17.93 6.39
C ILE A 11 -9.54 -18.76 7.47
N TYR A 12 -9.05 -19.98 7.67
CA TYR A 12 -9.37 -20.75 8.87
C TYR A 12 -8.25 -20.55 9.89
N PHE A 13 -8.57 -19.88 10.98
CA PHE A 13 -7.59 -19.60 12.03
C PHE A 13 -7.65 -20.69 13.08
N LEU A 14 -6.49 -21.23 13.43
CA LEU A 14 -6.41 -22.32 14.39
C LEU A 14 -5.24 -22.17 15.36
N LEU A 15 -5.40 -22.75 16.56
CA LEU A 15 -4.31 -22.85 17.53
C LEU A 15 -3.63 -24.17 17.22
N THR A 16 -2.35 -24.11 16.91
CA THR A 16 -1.62 -25.35 16.55
C THR A 16 -1.72 -26.43 17.64
N ASP A 17 -1.50 -26.05 18.90
CA ASP A 17 -1.69 -26.97 19.99
C ASP A 17 -3.08 -27.55 20.10
N ARG A 18 -4.11 -26.91 19.53
CA ARG A 18 -5.47 -27.34 19.82
C ARG A 18 -6.23 -27.87 18.60
N PHE A 19 -5.57 -27.90 17.45
CA PHE A 19 -6.37 -28.29 16.28
C PHE A 19 -6.35 -29.84 15.96
N ALA A 20 -5.15 -30.41 15.87
CA ALA A 20 -5.00 -31.79 15.39
C ALA A 20 -3.71 -32.37 15.92
N ARG A 21 -3.82 -33.52 16.60
CA ARG A 21 -2.62 -34.19 17.08
C ARG A 21 -2.02 -35.11 15.97
N THR A 22 -0.77 -35.45 16.13
CA THR A 22 -0.06 -36.27 15.15
C THR A 22 -0.75 -37.64 15.04
N ASP A 23 -1.20 -38.20 16.16
CA ASP A 23 -1.83 -39.53 16.19
C ASP A 23 -3.28 -39.47 15.76
N GLY A 24 -3.82 -38.26 15.60
CA GLY A 24 -5.13 -38.10 15.01
C GLY A 24 -6.28 -38.44 15.96
N SER A 25 -6.01 -38.48 17.26
CA SER A 25 -7.06 -38.90 18.20
C SER A 25 -8.20 -37.86 18.23
N THR A 26 -9.44 -38.32 18.32
CA THR A 26 -10.55 -37.39 18.56
C THR A 26 -11.06 -37.45 20.02
N THR A 27 -10.26 -38.07 20.90
CA THR A 27 -10.66 -38.29 22.29
C THR A 27 -9.62 -37.90 23.31
N ALA A 28 -8.38 -37.66 22.87
CA ALA A 28 -7.34 -37.16 23.74
C ALA A 28 -7.84 -35.94 24.51
N THR A 29 -7.68 -36.05 25.82
CA THR A 29 -8.08 -35.04 26.78
C THR A 29 -7.46 -33.73 26.45
N CYS A 30 -8.26 -32.67 26.52
CA CYS A 30 -7.73 -31.33 26.56
C CYS A 30 -8.69 -30.50 27.41
N ASN A 31 -8.36 -30.42 28.71
CA ASN A 31 -9.11 -29.59 29.70
C ASN A 31 -8.57 -28.17 29.60
N THR A 32 -9.38 -27.27 29.08
CA THR A 32 -8.82 -25.96 28.71
C THR A 32 -8.41 -25.23 29.98
N ALA A 33 -9.09 -25.53 31.10
CA ALA A 33 -8.77 -24.82 32.34
C ALA A 33 -7.35 -25.15 32.83
N ASP A 34 -6.79 -26.26 32.36
CA ASP A 34 -5.42 -26.69 32.79
C ASP A 34 -4.34 -25.84 32.12
N GLN A 35 -4.71 -25.27 30.97
CA GLN A 35 -3.84 -24.36 30.23
C GLN A 35 -2.50 -25.03 29.89
N LYS A 36 -2.52 -26.32 29.57
CA LYS A 36 -1.28 -27.05 29.26
C LYS A 36 -1.27 -27.47 27.79
N TYR A 37 -0.08 -27.74 27.24
CA TYR A 37 0.01 -28.34 25.90
C TYR A 37 -0.92 -29.52 25.92
N CYS A 38 -1.80 -29.58 24.92
CA CYS A 38 -2.66 -30.71 24.66
C CYS A 38 -2.17 -31.58 23.51
N GLY A 39 -1.14 -31.10 22.83
CA GLY A 39 -0.39 -31.92 21.86
C GLY A 39 -0.72 -31.77 20.38
N GLY A 40 -1.38 -30.69 19.99
CA GLY A 40 -1.59 -30.40 18.54
C GLY A 40 -0.25 -30.13 17.87
N THR A 41 -0.10 -30.53 16.59
CA THR A 41 1.17 -30.34 15.87
C THR A 41 0.93 -29.93 14.43
N TRP A 42 2.01 -29.62 13.73
CA TRP A 42 1.94 -29.23 12.35
C TRP A 42 1.58 -30.43 11.45
N GLN A 43 2.17 -31.59 11.73
CA GLN A 43 1.71 -32.85 11.06
C GLN A 43 0.20 -33.09 11.17
N GLY A 44 -0.34 -32.94 12.37
CA GLY A 44 -1.79 -33.00 12.56
C GLY A 44 -2.61 -32.14 11.59
N ILE A 45 -2.18 -30.88 11.40
CA ILE A 45 -2.94 -29.97 10.54
C ILE A 45 -2.93 -30.55 9.14
N ILE A 46 -1.74 -30.98 8.72
CA ILE A 46 -1.57 -31.56 7.37
C ILE A 46 -2.59 -32.67 7.17
N ASP A 47 -2.69 -33.57 8.15
CA ASP A 47 -3.62 -34.71 8.03
C ASP A 47 -5.10 -34.35 7.95
N LYS A 48 -5.40 -33.14 8.40
CA LYS A 48 -6.77 -32.65 8.45
C LYS A 48 -7.09 -31.53 7.43
N LEU A 49 -6.18 -31.33 6.48
CA LEU A 49 -6.43 -30.30 5.46
C LEU A 49 -7.69 -30.55 4.63
N ASP A 50 -8.11 -31.79 4.39
CA ASP A 50 -9.37 -31.98 3.65
C ASP A 50 -10.56 -31.43 4.42
N TYR A 51 -10.52 -31.62 5.74
CA TYR A 51 -11.60 -31.10 6.58
C TYR A 51 -11.68 -29.61 6.31
N ILE A 52 -10.52 -28.99 6.38
CA ILE A 52 -10.48 -27.52 6.29
C ILE A 52 -10.87 -27.07 4.88
N GLN A 53 -10.26 -27.70 3.88
CA GLN A 53 -10.55 -27.30 2.51
C GLN A 53 -12.02 -27.54 2.10
N GLY A 54 -12.59 -28.62 2.62
CA GLY A 54 -14.04 -28.91 2.44
C GLY A 54 -15.00 -27.78 2.82
N MET A 55 -14.59 -26.87 3.73
CA MET A 55 -15.47 -25.75 4.01
C MET A 55 -15.25 -24.59 3.05
N GLY A 56 -14.35 -24.74 2.08
CA GLY A 56 -14.16 -23.65 1.09
C GLY A 56 -13.06 -22.63 1.46
N PHE A 57 -12.34 -22.88 2.55
CA PHE A 57 -11.21 -21.99 2.94
C PHE A 57 -10.04 -22.14 1.98
N THR A 58 -9.29 -21.07 1.80
CA THR A 58 -8.15 -21.06 0.88
C THR A 58 -6.84 -20.79 1.60
N ALA A 59 -6.90 -20.71 2.93
CA ALA A 59 -5.69 -20.40 3.67
C ALA A 59 -5.94 -20.77 5.10
N ILE A 60 -4.86 -20.94 5.84
CA ILE A 60 -4.96 -21.02 7.30
C ILE A 60 -4.07 -19.99 7.97
N TRP A 61 -4.47 -19.60 9.17
CA TRP A 61 -3.60 -18.84 10.03
C TRP A 61 -3.28 -19.70 11.27
N ILE A 62 -2.00 -19.94 11.55
CA ILE A 62 -1.59 -20.73 12.68
C ILE A 62 -0.90 -19.85 13.73
N THR A 63 -0.93 -20.25 15.00
CA THR A 63 -0.33 -19.47 16.09
C THR A 63 1.20 -19.47 16.01
N PRO A 64 1.89 -18.58 16.80
CA PRO A 64 3.30 -18.44 16.56
C PRO A 64 4.12 -19.73 16.67
N VAL A 65 5.27 -19.76 15.97
CA VAL A 65 6.07 -20.96 15.85
C VAL A 65 7.38 -20.95 16.62
N THR A 66 7.76 -19.79 17.16
CA THR A 66 9.05 -19.63 17.81
C THR A 66 9.08 -20.37 19.13
N ALA A 67 10.30 -20.75 19.52
CA ALA A 67 10.52 -21.44 20.75
C ALA A 67 10.11 -20.58 21.91
N GLN A 68 9.35 -21.19 22.83
CA GLN A 68 8.74 -20.52 23.99
C GLN A 68 9.49 -20.73 25.29
N LEU A 69 9.09 -19.97 26.31
CA LEU A 69 9.47 -20.32 27.69
C LEU A 69 9.06 -21.72 27.93
N PRO A 70 9.92 -22.50 28.61
CA PRO A 70 9.73 -23.94 28.78
C PRO A 70 8.81 -24.31 29.94
N GLN A 71 8.58 -23.37 30.84
CA GLN A 71 7.96 -23.72 32.14
C GLN A 71 6.45 -23.87 32.00
N THR A 72 5.86 -24.60 32.95
CA THR A 72 4.42 -24.52 33.21
C THR A 72 4.35 -23.40 34.21
N THR A 73 3.93 -22.23 33.76
CA THR A 73 3.73 -21.10 34.67
C THR A 73 2.47 -21.24 35.53
N ALA A 74 2.25 -20.27 36.42
CA ALA A 74 1.01 -20.22 37.16
C ALA A 74 -0.19 -20.08 36.19
N TYR A 75 0.07 -19.58 34.96
CA TYR A 75 -1.00 -19.41 33.95
C TYR A 75 -0.90 -20.49 32.88
N GLY A 76 -0.14 -21.52 33.21
CA GLY A 76 -0.05 -22.68 32.31
C GLY A 76 1.19 -22.60 31.44
N ASP A 77 1.20 -23.45 30.43
CA ASP A 77 2.26 -23.53 29.46
C ASP A 77 2.03 -22.49 28.36
N ALA A 78 3.11 -22.29 27.58
CA ALA A 78 3.07 -21.43 26.41
C ALA A 78 2.47 -22.12 25.19
N TYR A 79 1.34 -22.81 25.37
CA TYR A 79 0.77 -23.69 24.32
C TYR A 79 0.29 -22.83 23.17
N HIS A 80 0.01 -21.55 23.48
CA HIS A 80 -0.55 -20.59 22.51
C HIS A 80 0.48 -19.91 21.61
N GLY A 81 1.77 -20.06 21.92
CA GLY A 81 2.85 -19.45 21.08
C GLY A 81 3.26 -18.00 21.36
N TYR A 82 2.65 -17.33 22.34
CA TYR A 82 2.84 -15.87 22.48
C TYR A 82 3.85 -15.49 23.55
N TRP A 83 4.57 -16.48 24.07
CA TRP A 83 5.59 -16.21 25.12
C TRP A 83 6.97 -16.69 24.69
N GLN A 84 7.54 -16.12 23.61
CA GLN A 84 8.77 -16.68 23.00
C GLN A 84 9.99 -16.31 23.79
N GLN A 85 11.04 -17.15 23.68
CA GLN A 85 12.34 -16.82 24.24
C GLN A 85 13.50 -16.96 23.24
N ASP A 86 13.43 -17.92 22.33
CA ASP A 86 14.47 -18.12 21.32
C ASP A 86 13.81 -18.08 19.92
N ILE A 87 13.98 -16.96 19.22
CA ILE A 87 13.24 -16.73 17.96
C ILE A 87 13.88 -17.49 16.82
N TYR A 88 15.12 -17.91 17.04
CA TYR A 88 15.79 -18.73 16.03
C TYR A 88 15.66 -20.23 16.22
N SER A 89 14.84 -20.66 17.17
CA SER A 89 14.47 -22.07 17.27
C SER A 89 12.95 -22.15 17.14
N LEU A 90 12.48 -23.34 16.82
CA LEU A 90 11.03 -23.67 16.74
C LEU A 90 10.51 -24.31 18.03
N ASN A 91 9.23 -24.14 18.27
CA ASN A 91 8.59 -24.75 19.40
C ASN A 91 8.46 -26.25 19.10
N GLU A 92 9.32 -27.04 19.74
CA GLU A 92 9.39 -28.50 19.52
C GLU A 92 8.09 -29.21 19.81
N ASN A 93 7.20 -28.59 20.59
CA ASN A 93 5.91 -29.23 20.79
C ASN A 93 5.15 -29.50 19.49
N TYR A 94 5.30 -28.64 18.50
CA TYR A 94 4.51 -28.74 17.28
C TYR A 94 5.15 -29.56 16.18
N GLY A 95 6.46 -29.82 16.34
CA GLY A 95 7.23 -30.55 15.31
C GLY A 95 8.59 -29.94 15.05
N THR A 96 9.15 -30.28 13.90
CA THR A 96 10.48 -29.76 13.53
C THR A 96 10.38 -28.79 12.37
N ALA A 97 11.48 -28.09 12.07
CA ALA A 97 11.53 -27.25 10.88
C ALA A 97 10.99 -28.02 9.66
N ASP A 98 11.30 -29.31 9.60
CA ASP A 98 10.86 -30.16 8.47
C ASP A 98 9.35 -30.28 8.41
N ASP A 99 8.72 -30.36 9.58
CA ASP A 99 7.26 -30.45 9.65
C ASP A 99 6.59 -29.14 9.22
N LEU A 100 7.17 -28.02 9.63
CA LEU A 100 6.59 -26.72 9.30
C LEU A 100 6.74 -26.49 7.79
N LYS A 101 7.88 -26.88 7.24
CA LYS A 101 8.05 -26.83 5.80
C LYS A 101 7.11 -27.73 5.06
N ALA A 102 6.87 -28.93 5.61
CA ALA A 102 5.93 -29.86 5.02
C ALA A 102 4.49 -29.27 4.99
N LEU A 103 4.15 -28.49 6.03
CA LEU A 103 2.81 -27.88 6.16
C LEU A 103 2.63 -26.85 5.08
N SER A 104 3.63 -25.97 4.91
CA SER A 104 3.68 -25.01 3.81
C SER A 104 3.50 -25.72 2.45
N SER A 105 4.25 -26.78 2.21
CA SER A 105 4.15 -27.42 0.92
C SER A 105 2.80 -28.08 0.71
N ALA A 106 2.27 -28.76 1.72
CA ALA A 106 0.95 -29.37 1.61
C ALA A 106 -0.13 -28.35 1.26
N LEU A 107 -0.08 -27.18 1.91
CA LEU A 107 -1.02 -26.11 1.56
C LEU A 107 -0.86 -25.64 0.11
N HIS A 108 0.37 -25.35 -0.27
CA HIS A 108 0.68 -24.98 -1.64
C HIS A 108 0.25 -26.01 -2.70
N GLU A 109 0.38 -27.27 -2.35
CA GLU A 109 -0.04 -28.36 -3.24
C GLU A 109 -1.56 -28.38 -3.48
N ARG A 110 -2.34 -27.87 -2.52
CA ARG A 110 -3.81 -27.71 -2.64
C ARG A 110 -4.30 -26.32 -3.05
N GLY A 111 -3.36 -25.43 -3.37
CA GLY A 111 -3.65 -24.09 -3.83
C GLY A 111 -4.07 -23.17 -2.70
N MET A 112 -3.52 -23.45 -1.53
CA MET A 112 -3.87 -22.72 -0.30
C MET A 112 -2.63 -21.96 0.18
N TYR A 113 -2.85 -21.00 1.07
CA TYR A 113 -1.81 -20.17 1.61
C TYR A 113 -1.58 -20.50 3.08
N LEU A 114 -0.36 -20.29 3.52
CA LEU A 114 -0.03 -20.36 4.94
C LEU A 114 0.17 -18.94 5.49
N MET A 115 -0.62 -18.54 6.49
CA MET A 115 -0.36 -17.32 7.28
C MET A 115 0.22 -17.71 8.68
N VAL A 116 1.24 -17.00 9.15
CA VAL A 116 1.88 -17.36 10.43
C VAL A 116 1.80 -16.15 11.33
N ASP A 117 1.45 -16.41 12.60
CA ASP A 117 1.25 -15.38 13.60
C ASP A 117 2.68 -15.07 14.11
N VAL A 118 2.98 -13.80 14.30
CA VAL A 118 4.29 -13.42 14.78
C VAL A 118 4.14 -12.34 15.85
N VAL A 119 5.06 -12.34 16.81
CA VAL A 119 5.09 -11.29 17.83
C VAL A 119 6.45 -10.57 17.71
N ALA A 120 6.41 -9.24 17.70
CA ALA A 120 7.63 -8.42 17.71
C ALA A 120 7.72 -7.70 19.06
N ASN A 121 6.57 -7.48 19.70
CA ASN A 121 6.49 -6.61 20.86
C ASN A 121 7.24 -7.11 22.09
N HIS A 122 7.20 -8.40 22.33
CA HIS A 122 7.68 -8.95 23.61
C HIS A 122 8.20 -10.38 23.50
N MET A 123 9.01 -10.72 24.50
CA MET A 123 9.34 -12.10 24.83
C MET A 123 8.41 -12.46 26.00
N GLY A 124 8.50 -13.68 26.49
CA GLY A 124 7.75 -14.08 27.70
C GLY A 124 8.69 -14.64 28.74
N TYR A 125 8.31 -14.50 30.02
CA TYR A 125 9.14 -15.00 31.13
C TYR A 125 8.27 -15.50 32.27
N ASP A 126 8.64 -16.65 32.83
CA ASP A 126 7.93 -17.20 34.00
C ASP A 126 8.44 -16.47 35.24
N GLY A 127 7.70 -15.47 35.72
CA GLY A 127 8.15 -14.73 36.90
C GLY A 127 8.05 -13.23 36.84
N ALA A 128 8.44 -12.60 37.95
CA ALA A 128 8.25 -11.17 38.14
C ALA A 128 9.15 -10.41 37.15
N GLY A 129 8.72 -9.19 36.79
CA GLY A 129 9.46 -8.33 35.85
C GLY A 129 10.86 -8.02 36.36
N SER A 130 10.96 -7.78 37.66
CA SER A 130 12.24 -7.64 38.36
C SER A 130 13.17 -8.86 38.41
N SER A 131 12.61 -10.05 38.22
CA SER A 131 13.41 -11.27 38.35
C SER A 131 13.98 -11.70 36.99
N VAL A 132 13.64 -10.99 35.92
CA VAL A 132 13.99 -11.47 34.58
C VAL A 132 15.50 -11.58 34.40
N ASP A 133 15.94 -12.75 33.93
CA ASP A 133 17.30 -12.98 33.47
C ASP A 133 17.29 -12.88 31.95
N TYR A 134 17.68 -11.72 31.43
CA TYR A 134 17.60 -11.43 30.01
C TYR A 134 18.53 -12.32 29.19
N SER A 135 19.45 -13.02 29.84
CA SER A 135 20.33 -13.93 29.08
C SER A 135 19.61 -15.15 28.47
N VAL A 136 18.37 -15.42 28.88
CA VAL A 136 17.66 -16.57 28.30
C VAL A 136 17.07 -16.26 26.92
N PHE A 137 17.03 -14.99 26.59
CA PHE A 137 16.45 -14.57 25.32
C PHE A 137 17.50 -14.63 24.23
N LYS A 138 17.17 -15.32 23.13
CA LYS A 138 18.00 -15.30 21.93
C LYS A 138 17.27 -14.65 20.74
N PRO A 139 17.91 -13.65 20.09
CA PRO A 139 19.25 -13.13 20.32
C PRO A 139 19.27 -11.95 21.32
N PHE A 140 18.11 -11.56 21.86
CA PHE A 140 18.05 -10.34 22.66
C PHE A 140 18.52 -10.59 24.11
N SER A 141 19.79 -10.97 24.27
CA SER A 141 20.16 -11.63 25.49
C SER A 141 20.75 -10.67 26.47
N SER A 142 20.27 -9.43 26.43
CA SER A 142 20.70 -8.39 27.38
C SER A 142 19.55 -7.45 27.68
N GLN A 143 19.57 -6.84 28.86
CA GLN A 143 18.57 -5.86 29.24
C GLN A 143 18.57 -4.61 28.33
N ASP A 144 19.71 -4.34 27.71
CA ASP A 144 19.86 -3.23 26.77
C ASP A 144 18.89 -3.30 25.61
N TYR A 145 18.33 -4.46 25.34
CA TYR A 145 17.42 -4.55 24.21
C TYR A 145 16.00 -4.18 24.59
N PHE A 146 15.73 -4.03 25.87
CA PHE A 146 14.34 -3.86 26.34
C PHE A 146 14.03 -2.48 26.94
N HIS A 147 12.76 -2.11 26.94
CA HIS A 147 12.34 -0.93 27.66
C HIS A 147 12.47 -1.23 29.17
N PRO A 148 12.72 -0.19 29.98
CA PRO A 148 12.72 -0.32 31.42
C PRO A 148 11.45 -0.96 31.93
N PHE A 149 11.58 -1.77 32.97
CA PHE A 149 10.45 -2.46 33.51
C PHE A 149 9.42 -1.53 34.15
N CYS A 150 8.18 -1.57 33.66
CA CYS A 150 7.04 -0.91 34.28
C CYS A 150 5.87 -1.62 33.61
N PHE A 151 4.70 -1.68 34.25
CA PHE A 151 3.51 -2.22 33.59
C PHE A 151 2.62 -1.11 32.99
N ILE A 152 1.87 -1.48 31.94
CA ILE A 152 0.99 -0.53 31.31
C ILE A 152 -0.20 -0.32 32.22
N GLN A 153 -0.41 0.90 32.65
CA GLN A 153 -1.53 1.18 33.55
C GLN A 153 -2.55 1.98 32.80
N ASN A 154 -2.09 3.06 32.18
CA ASN A 154 -3.01 4.00 31.54
C ASN A 154 -3.13 3.80 30.03
N TYR A 155 -4.25 3.23 29.56
CA TYR A 155 -4.39 2.93 28.13
C TYR A 155 -4.76 4.14 27.26
N GLU A 156 -4.99 5.29 27.90
CA GLU A 156 -5.18 6.56 27.17
C GLU A 156 -3.87 7.30 26.91
N ASP A 157 -2.76 6.74 27.39
CA ASP A 157 -1.44 7.31 27.16
C ASP A 157 -0.73 6.34 26.21
N GLN A 158 -0.76 6.69 24.92
CA GLN A 158 -0.26 5.78 23.90
C GLN A 158 1.23 5.51 24.03
N THR A 159 1.98 6.47 24.52
CA THR A 159 3.39 6.22 24.79
C THR A 159 3.62 5.13 25.80
N GLN A 160 2.82 5.15 26.87
CA GLN A 160 2.91 4.16 27.90
C GLN A 160 2.42 2.80 27.36
N VAL A 161 1.38 2.80 26.52
CA VAL A 161 0.96 1.56 25.80
C VAL A 161 2.08 0.93 25.01
N GLU A 162 2.93 1.77 24.44
CA GLU A 162 4.08 1.26 23.67
C GLU A 162 5.34 0.95 24.43
N ASP A 163 5.62 1.73 25.48
CA ASP A 163 6.90 1.62 26.17
C ASP A 163 6.94 0.75 27.43
N CYS A 164 5.78 0.49 28.00
CA CYS A 164 5.70 -0.32 29.22
C CYS A 164 5.36 -1.76 28.88
N TRP A 165 5.36 -2.62 29.89
CA TRP A 165 5.23 -4.05 29.60
C TRP A 165 3.82 -4.53 29.76
N LEU A 166 3.47 -5.49 28.91
CA LEU A 166 2.25 -6.26 29.06
C LEU A 166 2.48 -7.35 30.12
N GLY A 167 1.42 -8.01 30.54
CA GLY A 167 1.51 -9.10 31.47
C GLY A 167 1.58 -8.61 32.92
N ASP A 168 2.03 -9.46 33.82
CA ASP A 168 2.06 -9.09 35.26
C ASP A 168 3.30 -9.71 35.94
N ASN A 169 3.35 -9.80 37.27
CA ASN A 169 4.57 -10.37 37.89
C ASN A 169 4.52 -11.87 38.03
N THR A 170 3.46 -12.47 37.46
CA THR A 170 3.27 -13.89 37.44
C THR A 170 3.86 -14.40 36.13
N VAL A 171 3.39 -13.84 35.03
CA VAL A 171 4.02 -14.07 33.72
C VAL A 171 4.29 -12.71 33.13
N SER A 172 5.55 -12.35 33.05
CA SER A 172 5.89 -11.03 32.55
C SER A 172 6.24 -11.14 31.07
N LEU A 173 6.03 -10.06 30.31
CA LEU A 173 6.31 -10.04 28.86
C LEU A 173 7.29 -8.93 28.54
N PRO A 174 8.58 -9.23 28.73
CA PRO A 174 9.60 -8.16 28.60
C PRO A 174 9.47 -7.46 27.25
N ASP A 175 9.38 -6.14 27.33
CA ASP A 175 9.03 -5.32 26.21
C ASP A 175 10.28 -4.85 25.46
N LEU A 176 10.46 -5.35 24.23
CA LEU A 176 11.56 -4.92 23.39
C LEU A 176 11.55 -3.42 23.11
N ASP A 177 12.73 -2.79 23.13
CA ASP A 177 12.79 -1.39 22.78
C ASP A 177 12.85 -1.31 21.27
N THR A 178 11.67 -1.32 20.64
CA THR A 178 11.55 -1.31 19.19
C THR A 178 11.93 0.07 18.61
N THR A 179 12.40 1.00 19.45
CA THR A 179 12.93 2.25 18.92
C THR A 179 14.43 2.15 18.64
N LYS A 180 15.09 1.10 19.13
CA LYS A 180 16.52 0.97 18.86
C LYS A 180 16.78 0.34 17.52
N ASP A 181 17.75 0.91 16.82
CA ASP A 181 18.15 0.40 15.53
C ASP A 181 18.56 -1.05 15.59
N VAL A 182 19.24 -1.48 16.66
CA VAL A 182 19.72 -2.88 16.70
C VAL A 182 18.50 -3.79 16.81
N VAL A 183 17.50 -3.31 17.53
CA VAL A 183 16.25 -4.09 17.67
C VAL A 183 15.48 -4.12 16.34
N LYS A 184 15.34 -2.98 15.67
CA LYS A 184 14.73 -2.97 14.35
C LYS A 184 15.47 -3.87 13.39
N ASN A 185 16.78 -3.70 13.32
CA ASN A 185 17.58 -4.48 12.39
C ASN A 185 17.44 -6.00 12.59
N GLU A 186 17.42 -6.43 13.85
CA GLU A 186 17.31 -7.84 14.11
C GLU A 186 15.95 -8.42 13.73
N TRP A 187 14.87 -7.76 14.11
CA TRP A 187 13.51 -8.20 13.74
C TRP A 187 13.32 -8.21 12.22
N TYR A 188 13.81 -7.17 11.53
CA TYR A 188 13.65 -7.11 10.06
C TYR A 188 14.39 -8.26 9.38
N ASP A 189 15.61 -8.46 9.82
CA ASP A 189 16.36 -9.62 9.38
C ASP A 189 15.60 -10.89 9.66
N TRP A 190 15.13 -11.01 10.89
CA TRP A 190 14.45 -12.23 11.31
C TRP A 190 13.21 -12.49 10.50
N VAL A 191 12.38 -11.48 10.30
CA VAL A 191 11.08 -11.82 9.62
C VAL A 191 11.27 -12.21 8.13
N GLY A 192 12.16 -11.53 7.44
CA GLY A 192 12.48 -11.98 6.08
C GLY A 192 12.96 -13.43 6.03
N SER A 193 13.82 -13.81 6.98
CA SER A 193 14.36 -15.19 6.96
C SER A 193 13.32 -16.23 7.31
N LEU A 194 12.48 -15.89 8.28
CA LEU A 194 11.34 -16.77 8.59
C LEU A 194 10.48 -17.02 7.36
N VAL A 195 10.06 -15.95 6.70
CA VAL A 195 9.19 -16.09 5.54
C VAL A 195 9.83 -16.95 4.44
N SER A 196 11.08 -16.64 4.08
CA SER A 196 11.76 -17.46 3.08
C SER A 196 12.03 -18.88 3.56
N ASN A 197 12.45 -19.08 4.79
CA ASN A 197 12.71 -20.45 5.21
C ASN A 197 11.48 -21.35 5.12
N TYR A 198 10.30 -20.81 5.47
CA TYR A 198 9.15 -21.70 5.60
C TYR A 198 8.12 -21.46 4.50
N SER A 199 8.49 -20.68 3.46
CA SER A 199 7.59 -20.39 2.33
C SER A 199 6.20 -19.89 2.83
N ILE A 200 6.25 -18.92 3.73
CA ILE A 200 5.08 -18.39 4.36
C ILE A 200 4.48 -17.35 3.43
N ASP A 201 3.16 -17.42 3.23
CA ASP A 201 2.45 -16.52 2.32
C ASP A 201 1.98 -15.17 2.88
N GLY A 202 1.79 -15.09 4.18
CA GLY A 202 1.24 -13.91 4.79
C GLY A 202 1.49 -14.02 6.29
N LEU A 203 1.44 -12.86 6.99
CA LEU A 203 1.63 -12.87 8.44
C LEU A 203 0.50 -12.20 9.15
N ARG A 204 0.12 -12.75 10.31
CA ARG A 204 -0.75 -12.05 11.26
C ARG A 204 0.15 -11.55 12.39
N ILE A 205 0.11 -10.23 12.64
CA ILE A 205 1.07 -9.68 13.57
C ILE A 205 0.35 -9.39 14.87
N ASP A 206 0.90 -9.95 15.96
CA ASP A 206 0.30 -9.83 17.31
C ASP A 206 0.55 -8.42 17.84
N THR A 207 -0.30 -7.93 18.75
CA THR A 207 0.05 -6.80 19.64
C THR A 207 0.58 -5.54 18.94
N VAL A 208 -0.04 -5.16 17.83
CA VAL A 208 0.53 -4.14 16.97
C VAL A 208 0.43 -2.79 17.69
N LYS A 209 -0.62 -2.56 18.45
CA LYS A 209 -0.74 -1.20 19.07
C LYS A 209 0.29 -0.94 20.16
N HIS A 210 1.02 -2.00 20.53
CA HIS A 210 2.01 -1.94 21.61
C HIS A 210 3.40 -1.63 21.11
N VAL A 211 3.52 -1.40 19.79
CA VAL A 211 4.78 -1.03 19.16
C VAL A 211 4.51 0.27 18.40
N GLN A 212 5.40 1.24 18.59
CA GLN A 212 5.27 2.52 17.87
C GLN A 212 5.19 2.34 16.37
N LYS A 213 4.32 3.15 15.76
CA LYS A 213 3.93 2.92 14.36
C LYS A 213 5.11 2.90 13.42
N ASP A 214 6.15 3.71 13.70
CA ASP A 214 7.27 3.78 12.76
C ASP A 214 8.07 2.50 12.64
N PHE A 215 7.81 1.53 13.52
CA PHE A 215 8.50 0.27 13.47
C PHE A 215 7.95 -0.52 12.30
N TRP A 216 6.65 -0.37 12.09
CA TRP A 216 5.95 -1.35 11.21
C TRP A 216 6.23 -1.37 9.71
N PRO A 217 6.41 -0.19 9.06
CA PRO A 217 6.73 -0.22 7.63
C PRO A 217 7.95 -1.08 7.26
N GLY A 218 9.05 -0.87 7.98
CA GLY A 218 10.25 -1.66 7.75
C GLY A 218 10.01 -3.15 7.96
N TYR A 219 9.17 -3.47 8.94
CA TYR A 219 8.86 -4.86 9.24
C TYR A 219 7.97 -5.46 8.13
N ASN A 220 6.94 -4.74 7.73
CA ASN A 220 6.06 -5.18 6.62
C ASN A 220 6.88 -5.37 5.34
N LYS A 221 7.77 -4.42 5.06
CA LYS A 221 8.66 -4.51 3.92
C LYS A 221 9.57 -5.74 4.00
N ALA A 222 10.22 -5.91 5.14
CA ALA A 222 11.22 -6.97 5.35
C ALA A 222 10.54 -8.30 5.19
N ALA A 223 9.27 -8.38 5.60
CA ALA A 223 8.53 -9.63 5.42
C ALA A 223 8.29 -10.00 3.95
N GLY A 224 8.01 -8.98 3.13
CA GLY A 224 7.77 -9.15 1.70
C GLY A 224 6.47 -9.86 1.36
N VAL A 225 5.53 -9.92 2.32
CA VAL A 225 4.26 -10.58 2.09
C VAL A 225 3.20 -9.72 2.75
N TYR A 226 1.94 -9.97 2.45
CA TYR A 226 0.87 -9.35 3.19
C TYR A 226 1.01 -9.52 4.70
N CYS A 227 0.89 -8.44 5.44
CA CYS A 227 0.81 -8.50 6.93
C CYS A 227 -0.50 -7.92 7.39
N ILE A 228 -1.21 -8.65 8.29
CA ILE A 228 -2.43 -8.11 8.86
C ILE A 228 -2.27 -8.03 10.36
N GLY A 229 -2.46 -6.81 10.90
CA GLY A 229 -2.09 -6.56 12.28
C GLY A 229 -3.26 -6.69 13.25
N GLU A 230 -2.98 -7.21 14.44
CA GLU A 230 -3.96 -7.19 15.50
C GLU A 230 -3.87 -5.86 16.20
N VAL A 231 -4.87 -5.03 16.01
CA VAL A 231 -4.90 -3.76 16.74
C VAL A 231 -6.18 -3.85 17.59
N LEU A 232 -6.00 -4.01 18.89
CA LEU A 232 -7.12 -4.44 19.75
C LEU A 232 -7.88 -3.18 20.22
N ASP A 233 -8.76 -2.69 19.37
CA ASP A 233 -9.56 -1.46 19.62
C ASP A 233 -10.73 -1.41 18.59
N GLY A 234 -11.92 -1.24 19.13
CA GLY A 234 -13.12 -1.14 18.31
C GLY A 234 -13.32 0.22 17.65
N ASP A 235 -12.50 1.23 18.02
CA ASP A 235 -12.76 2.55 17.46
C ASP A 235 -12.00 2.67 16.13
N PRO A 236 -12.71 2.82 15.01
CA PRO A 236 -12.00 2.84 13.71
C PRO A 236 -11.05 4.05 13.60
N ALA A 237 -11.30 5.09 14.40
CA ALA A 237 -10.38 6.25 14.40
C ALA A 237 -9.02 5.92 15.05
N TYR A 238 -8.99 4.87 15.88
CA TYR A 238 -7.78 4.41 16.49
C TYR A 238 -7.14 3.31 15.66
N THR A 239 -7.97 2.41 15.16
CA THR A 239 -7.48 1.17 14.54
C THR A 239 -7.14 1.37 13.06
N CYS A 240 -8.01 2.04 12.32
CA CYS A 240 -7.78 2.17 10.86
C CYS A 240 -6.49 2.92 10.46
N PRO A 241 -6.07 3.92 11.27
CA PRO A 241 -4.78 4.58 10.97
C PRO A 241 -3.60 3.62 10.90
N TYR A 242 -3.67 2.45 11.56
CA TYR A 242 -2.54 1.47 11.47
C TYR A 242 -2.37 0.91 10.04
N GLN A 243 -3.42 1.06 9.22
CA GLN A 243 -3.33 0.67 7.84
C GLN A 243 -2.42 1.59 7.02
N ASN A 244 -1.96 2.68 7.64
CA ASN A 244 -1.03 3.57 7.02
C ASN A 244 0.43 3.13 7.26
N VAL A 245 0.62 2.16 8.13
CA VAL A 245 1.95 1.54 8.32
C VAL A 245 2.06 -0.01 8.06
N MET A 246 0.93 -0.67 7.82
CA MET A 246 0.87 -2.09 7.58
C MET A 246 -0.20 -2.34 6.56
N ASP A 247 -0.13 -3.45 5.79
CA ASP A 247 -1.09 -3.71 4.70
C ASP A 247 -2.57 -3.78 5.15
N GLY A 248 -2.81 -4.51 6.24
CA GLY A 248 -4.14 -4.62 6.78
C GLY A 248 -4.18 -4.71 8.30
N VAL A 249 -5.38 -4.63 8.84
CA VAL A 249 -5.60 -4.96 10.23
C VAL A 249 -6.81 -5.84 10.43
N LEU A 250 -6.90 -6.46 11.60
CA LEU A 250 -8.08 -7.23 11.93
C LEU A 250 -9.25 -6.26 12.14
N ASN A 251 -10.42 -6.62 11.64
CA ASN A 251 -11.55 -5.73 11.72
C ASN A 251 -12.24 -5.70 13.10
N TYR A 252 -11.52 -5.20 14.10
CA TYR A 252 -12.10 -5.02 15.43
C TYR A 252 -13.22 -4.00 15.42
N PRO A 253 -13.15 -2.92 14.58
CA PRO A 253 -14.30 -2.01 14.41
C PRO A 253 -15.62 -2.70 14.09
N ILE A 254 -15.60 -3.60 13.10
CA ILE A 254 -16.81 -4.35 12.75
C ILE A 254 -17.21 -5.42 13.79
N TYR A 255 -16.20 -5.99 14.43
CA TYR A 255 -16.38 -7.04 15.44
C TYR A 255 -17.48 -6.71 16.45
N TYR A 256 -17.38 -5.58 17.14
CA TYR A 256 -18.30 -5.31 18.26
C TYR A 256 -19.79 -5.17 17.84
N PRO A 257 -20.08 -4.35 16.81
CA PRO A 257 -21.47 -4.25 16.38
C PRO A 257 -21.94 -5.48 15.65
N LEU A 258 -21.03 -6.22 15.04
CA LEU A 258 -21.42 -7.47 14.37
C LEU A 258 -21.87 -8.51 15.39
N LEU A 259 -21.05 -8.71 16.41
CA LEU A 259 -21.43 -9.53 17.56
C LEU A 259 -22.77 -9.08 18.15
N ASN A 260 -22.88 -7.77 18.45
CA ASN A 260 -24.10 -7.27 19.06
C ASN A 260 -25.40 -7.46 18.26
N ALA A 261 -25.29 -7.42 16.94
CA ALA A 261 -26.42 -7.47 16.03
C ALA A 261 -26.97 -8.92 16.01
N PHE A 262 -26.10 -9.92 16.10
CA PHE A 262 -26.56 -11.31 16.03
C PHE A 262 -26.56 -12.16 17.28
N LYS A 263 -26.01 -11.65 18.38
CA LYS A 263 -25.93 -12.43 19.64
C LYS A 263 -27.21 -12.54 20.40
N SER A 264 -28.23 -11.77 20.00
CA SER A 264 -29.57 -11.93 20.53
C SER A 264 -30.60 -11.43 19.51
N THR A 265 -31.86 -11.77 19.72
CA THR A 265 -32.90 -11.28 18.80
C THR A 265 -33.19 -9.77 18.96
N SER A 266 -32.60 -9.09 19.93
CA SER A 266 -32.75 -7.63 20.02
C SER A 266 -31.49 -6.81 19.68
N GLY A 267 -30.54 -7.46 19.00
CA GLY A 267 -29.31 -6.84 18.55
C GLY A 267 -29.60 -5.70 17.62
N SER A 268 -28.74 -4.68 17.69
CA SER A 268 -28.86 -3.52 16.82
C SER A 268 -28.35 -3.67 15.38
N MET A 269 -29.26 -3.80 14.41
CA MET A 269 -28.87 -3.76 12.98
C MET A 269 -28.30 -2.40 12.56
N ASP A 270 -28.78 -1.34 13.19
CA ASP A 270 -28.36 0.03 12.91
C ASP A 270 -26.85 0.22 13.16
N ASP A 271 -26.36 -0.19 14.33
CA ASP A 271 -24.94 -0.06 14.65
C ASP A 271 -24.07 -0.82 13.66
N LEU A 272 -24.50 -2.00 13.21
CA LEU A 272 -23.73 -2.76 12.24
C LEU A 272 -23.71 -2.03 10.90
N TYR A 273 -24.90 -1.62 10.48
CA TYR A 273 -25.08 -0.91 9.20
C TYR A 273 -24.18 0.33 9.19
N ASN A 274 -24.24 1.10 10.26
CA ASN A 274 -23.41 2.28 10.30
C ASN A 274 -21.90 2.04 10.30
N MET A 275 -21.50 0.94 10.94
CA MET A 275 -20.05 0.72 11.05
C MET A 275 -19.56 0.19 9.71
N ILE A 276 -20.39 -0.59 9.01
CA ILE A 276 -20.02 -0.97 7.64
C ILE A 276 -19.70 0.29 6.85
N ASN A 277 -20.62 1.25 6.88
CA ASN A 277 -20.41 2.50 6.17
C ASN A 277 -19.21 3.31 6.67
N THR A 278 -19.06 3.43 7.98
CA THR A 278 -17.89 4.11 8.59
C THR A 278 -16.58 3.49 8.11
N VAL A 279 -16.45 2.16 8.21
CA VAL A 279 -15.21 1.54 7.82
C VAL A 279 -14.96 1.68 6.31
N LYS A 280 -16.04 1.52 5.51
CA LYS A 280 -15.92 1.63 4.06
C LYS A 280 -15.27 2.97 3.68
N SER A 281 -15.67 4.03 4.36
CA SER A 281 -15.27 5.39 4.04
C SER A 281 -13.98 5.83 4.71
N ASP A 282 -13.83 5.47 5.96
CA ASP A 282 -12.81 6.07 6.77
C ASP A 282 -11.52 5.24 6.80
N CYS A 283 -11.60 3.94 6.57
CA CYS A 283 -10.42 3.12 6.70
C CYS A 283 -9.76 3.11 5.35
N PRO A 284 -8.44 3.13 5.33
CA PRO A 284 -7.74 3.19 4.06
C PRO A 284 -8.25 2.19 3.03
N ASP A 285 -8.39 0.90 3.40
CA ASP A 285 -8.94 -0.11 2.45
C ASP A 285 -9.64 -1.27 3.16
N SER A 286 -10.96 -1.15 3.26
CA SER A 286 -11.81 -2.09 3.99
C SER A 286 -11.58 -3.49 3.42
N THR A 287 -11.22 -3.57 2.14
CA THR A 287 -11.02 -4.88 1.49
C THR A 287 -9.71 -5.61 1.83
N LEU A 288 -8.86 -4.99 2.65
CA LEU A 288 -7.64 -5.65 3.14
C LEU A 288 -7.70 -5.83 4.68
N LEU A 289 -8.90 -5.68 5.21
CA LEU A 289 -9.13 -6.01 6.64
C LEU A 289 -9.61 -7.44 6.83
N GLY A 290 -9.54 -7.93 8.07
CA GLY A 290 -9.95 -9.33 8.32
C GLY A 290 -11.25 -9.35 9.11
N THR A 291 -12.31 -9.96 8.58
CA THR A 291 -13.59 -9.94 9.25
C THR A 291 -13.74 -11.18 10.11
N PHE A 292 -14.17 -10.98 11.35
CA PHE A 292 -14.33 -12.12 12.28
C PHE A 292 -15.38 -11.79 13.34
N VAL A 293 -15.97 -12.82 13.93
CA VAL A 293 -16.77 -12.61 15.14
C VAL A 293 -16.35 -13.54 16.29
N GLU A 294 -15.31 -14.32 16.05
CA GLU A 294 -14.87 -15.25 17.04
C GLU A 294 -13.35 -15.44 16.98
N ASN A 295 -12.73 -15.45 18.15
CA ASN A 295 -11.27 -15.68 18.23
C ASN A 295 -10.89 -16.20 19.61
N HIS A 296 -9.60 -16.29 19.86
CA HIS A 296 -9.07 -16.83 21.13
C HIS A 296 -8.88 -15.75 22.18
N ASP A 297 -9.38 -14.54 21.92
CA ASP A 297 -9.32 -13.45 22.88
C ASP A 297 -10.66 -12.90 23.32
N ASN A 298 -11.75 -13.60 22.98
CA ASN A 298 -13.09 -13.12 23.37
C ASN A 298 -13.97 -14.33 23.52
N PRO A 299 -15.08 -14.20 24.26
CA PRO A 299 -15.97 -15.38 24.37
C PRO A 299 -16.44 -15.79 22.98
N ARG A 300 -16.59 -17.07 22.71
CA ARG A 300 -17.03 -17.51 21.40
C ARG A 300 -18.47 -17.08 21.17
N PHE A 301 -18.87 -16.99 19.90
CA PHE A 301 -20.21 -16.51 19.60
C PHE A 301 -21.33 -17.29 20.33
N ALA A 302 -21.25 -18.62 20.23
CA ALA A 302 -22.19 -19.54 20.93
C ALA A 302 -22.20 -19.48 22.47
N SER A 303 -21.11 -18.98 23.07
CA SER A 303 -21.13 -18.54 24.50
C SER A 303 -22.21 -17.48 24.82
N TYR A 304 -22.58 -16.67 23.82
CA TYR A 304 -23.67 -15.68 23.99
C TYR A 304 -25.02 -16.26 23.71
N THR A 305 -25.09 -17.14 22.71
CA THR A 305 -26.38 -17.75 22.31
C THR A 305 -26.13 -19.02 21.56
N ASN A 306 -26.90 -20.07 21.85
CA ASN A 306 -26.83 -21.32 21.08
C ASN A 306 -27.79 -21.35 19.90
N ASP A 307 -28.45 -20.23 19.61
CA ASP A 307 -29.37 -20.20 18.47
C ASP A 307 -28.61 -20.48 17.16
N ILE A 308 -28.98 -21.54 16.45
CA ILE A 308 -28.14 -21.95 15.32
C ILE A 308 -28.37 -20.99 14.16
N ALA A 309 -29.57 -20.42 14.09
CA ALA A 309 -29.84 -19.50 12.96
C ALA A 309 -29.02 -18.22 13.15
N LEU A 310 -28.90 -17.79 14.37
CA LEU A 310 -28.09 -16.59 14.61
C LEU A 310 -26.65 -16.89 14.22
N ALA A 311 -26.18 -18.06 14.62
CA ALA A 311 -24.79 -18.47 14.25
C ALA A 311 -24.59 -18.52 12.73
N LYS A 312 -25.61 -19.00 12.03
CA LYS A 312 -25.56 -19.08 10.57
C LYS A 312 -25.51 -17.69 9.91
N ASN A 313 -26.26 -16.73 10.47
CA ASN A 313 -26.27 -15.40 9.87
C ASN A 313 -24.91 -14.73 10.09
N VAL A 314 -24.35 -14.90 11.27
CA VAL A 314 -23.10 -14.18 11.57
C VAL A 314 -21.97 -14.78 10.76
N ALA A 315 -22.00 -16.09 10.55
CA ALA A 315 -21.00 -16.74 9.71
C ALA A 315 -21.10 -16.31 8.24
N ALA A 316 -22.32 -16.25 7.73
CA ALA A 316 -22.56 -15.73 6.39
C ALA A 316 -22.02 -14.30 6.24
N PHE A 317 -22.20 -13.46 7.26
CA PHE A 317 -21.67 -12.08 7.19
C PHE A 317 -20.16 -12.05 7.09
N ILE A 318 -19.50 -12.80 7.96
CA ILE A 318 -18.05 -12.89 7.92
C ILE A 318 -17.52 -13.28 6.54
N ILE A 319 -18.19 -14.24 5.90
CA ILE A 319 -17.69 -14.68 4.60
C ILE A 319 -17.95 -13.58 3.50
N LEU A 320 -19.08 -12.90 3.59
CA LEU A 320 -19.54 -12.05 2.50
C LEU A 320 -19.19 -10.56 2.64
N ASN A 321 -18.68 -10.16 3.81
CA ASN A 321 -18.18 -8.81 4.04
C ASN A 321 -16.95 -8.50 3.17
N ASP A 322 -16.70 -7.22 2.96
CA ASP A 322 -15.38 -6.78 2.45
C ASP A 322 -14.29 -7.44 3.25
N GLY A 323 -13.16 -7.69 2.59
CA GLY A 323 -11.94 -8.09 3.28
C GLY A 323 -11.92 -9.61 3.34
N ILE A 324 -11.07 -10.09 4.23
CA ILE A 324 -10.74 -11.49 4.25
C ILE A 324 -11.55 -12.14 5.38
N PRO A 325 -12.44 -13.10 5.04
CA PRO A 325 -13.16 -13.82 6.09
C PRO A 325 -12.18 -14.56 6.99
N ILE A 326 -12.40 -14.49 8.29
CA ILE A 326 -11.62 -15.30 9.20
C ILE A 326 -12.53 -16.03 10.21
N ILE A 327 -12.54 -17.36 10.10
CA ILE A 327 -13.28 -18.29 10.99
C ILE A 327 -12.34 -19.01 11.92
N TYR A 328 -12.67 -19.01 13.21
CA TYR A 328 -11.80 -19.54 14.22
C TYR A 328 -12.22 -21.00 14.51
N ALA A 329 -11.25 -21.91 14.36
CA ALA A 329 -11.41 -23.34 14.58
C ALA A 329 -12.32 -23.66 15.75
N GLY A 330 -13.38 -24.43 15.46
CA GLY A 330 -14.46 -24.76 16.41
C GLY A 330 -15.73 -23.93 16.24
N GLN A 331 -15.63 -22.71 15.67
CA GLN A 331 -16.85 -21.93 15.32
C GLN A 331 -17.80 -22.80 14.47
N GLU A 332 -17.20 -23.55 13.57
CA GLU A 332 -17.98 -24.36 12.64
C GLU A 332 -18.58 -25.57 13.33
N GLN A 333 -18.09 -25.87 14.52
CA GLN A 333 -18.74 -26.92 15.33
C GLN A 333 -19.58 -26.33 16.50
N HIS A 334 -19.84 -25.04 16.42
CA HIS A 334 -20.70 -24.38 17.40
C HIS A 334 -20.13 -24.45 18.79
N TYR A 335 -18.80 -24.39 18.89
CA TYR A 335 -18.14 -24.26 20.20
C TYR A 335 -18.56 -22.99 21.03
N ALA A 336 -18.65 -23.12 22.36
CA ALA A 336 -19.35 -22.13 23.19
C ALA A 336 -18.52 -21.65 24.39
N GLY A 337 -17.22 -21.94 24.33
CA GLY A 337 -16.31 -21.54 25.42
C GLY A 337 -16.29 -20.04 25.62
N GLY A 338 -16.14 -19.64 26.89
CA GLY A 338 -16.04 -18.19 27.21
C GLY A 338 -14.61 -17.62 27.13
N ASN A 339 -14.30 -16.61 27.94
CA ASN A 339 -12.97 -16.05 27.89
C ASN A 339 -11.83 -17.06 28.15
N ASP A 340 -10.73 -16.79 27.45
CA ASP A 340 -9.45 -17.45 27.71
C ASP A 340 -9.29 -17.83 29.21
N PRO A 341 -9.03 -19.12 29.48
CA PRO A 341 -8.72 -20.16 28.47
C PRO A 341 -9.88 -20.94 27.88
N ALA A 342 -11.12 -20.58 28.20
CA ALA A 342 -12.28 -21.44 27.81
C ALA A 342 -12.50 -21.51 26.30
N ASN A 343 -12.01 -20.48 25.58
CA ASN A 343 -12.16 -20.38 24.13
C ASN A 343 -11.00 -21.03 23.33
N ARG A 344 -10.17 -21.81 24.00
CA ARG A 344 -9.11 -22.55 23.30
C ARG A 344 -9.40 -24.02 23.30
N GLU A 345 -10.67 -24.36 23.12
CA GLU A 345 -11.01 -25.79 23.11
C GLU A 345 -10.31 -26.50 21.97
N ALA A 346 -10.10 -27.81 22.15
CA ALA A 346 -9.46 -28.64 21.11
C ALA A 346 -10.47 -29.00 20.03
N THR A 347 -10.07 -28.79 18.78
CA THR A 347 -10.99 -28.97 17.67
C THR A 347 -11.27 -30.48 17.48
N TRP A 348 -10.27 -31.31 17.77
CA TRP A 348 -10.43 -32.78 17.59
C TRP A 348 -11.52 -33.43 18.45
N LEU A 349 -11.77 -32.85 19.64
CA LEU A 349 -12.85 -33.37 20.50
C LEU A 349 -14.22 -33.31 19.82
N SER A 350 -14.39 -32.49 18.79
CA SER A 350 -15.67 -32.51 18.02
C SER A 350 -15.84 -33.76 17.18
N GLY A 351 -14.74 -34.48 16.90
CA GLY A 351 -14.80 -35.55 15.91
C GLY A 351 -14.72 -35.05 14.46
N TYR A 352 -14.61 -33.72 14.28
CA TYR A 352 -14.53 -33.11 12.94
C TYR A 352 -15.63 -33.50 11.96
N PRO A 353 -16.91 -33.47 12.38
CA PRO A 353 -18.01 -33.88 11.46
C PRO A 353 -18.19 -32.86 10.34
N THR A 354 -18.22 -33.33 9.10
CA THR A 354 -18.39 -32.44 8.00
C THR A 354 -19.87 -32.20 7.66
N ASP A 355 -20.78 -32.76 8.44
CA ASP A 355 -22.20 -32.57 8.17
C ASP A 355 -22.91 -31.73 9.21
N SER A 356 -22.14 -31.16 10.15
CA SER A 356 -22.68 -30.22 11.12
C SER A 356 -23.28 -28.99 10.38
N GLU A 357 -24.19 -28.32 11.04
CA GLU A 357 -24.98 -27.30 10.33
C GLU A 357 -24.10 -26.13 9.91
N LEU A 358 -23.16 -25.75 10.77
CA LEU A 358 -22.27 -24.63 10.49
C LEU A 358 -21.28 -24.96 9.39
N TYR A 359 -20.73 -26.16 9.45
CA TYR A 359 -19.78 -26.62 8.42
C TYR A 359 -20.43 -26.49 7.03
N LYS A 360 -21.68 -26.95 6.92
CA LYS A 360 -22.46 -26.86 5.69
C LYS A 360 -22.71 -25.42 5.24
N LEU A 361 -23.24 -24.60 6.16
CA LEU A 361 -23.44 -23.19 5.88
C LEU A 361 -22.15 -22.50 5.38
N ILE A 362 -21.07 -22.64 6.15
CA ILE A 362 -19.76 -22.06 5.77
C ILE A 362 -19.33 -22.56 4.39
N ALA A 363 -19.40 -23.88 4.17
CA ALA A 363 -19.10 -24.42 2.85
C ALA A 363 -19.92 -23.75 1.76
N SER A 364 -21.22 -23.58 1.94
CA SER A 364 -22.03 -22.98 0.87
C SER A 364 -21.68 -21.48 0.72
N ALA A 365 -21.38 -20.81 1.83
CA ALA A 365 -21.05 -19.40 1.73
C ALA A 365 -19.70 -19.17 1.03
N ASN A 366 -18.67 -19.94 1.40
CA ASN A 366 -17.38 -19.82 0.76
C ASN A 366 -17.51 -20.28 -0.68
N ALA A 367 -18.40 -21.24 -0.92
CA ALA A 367 -18.53 -21.77 -2.28
C ALA A 367 -18.97 -20.66 -3.24
N ILE A 368 -20.05 -19.96 -2.91
CA ILE A 368 -20.44 -18.86 -3.75
C ILE A 368 -19.41 -17.72 -3.80
N ARG A 369 -18.75 -17.42 -2.68
CA ARG A 369 -17.78 -16.31 -2.70
C ARG A 369 -16.63 -16.67 -3.66
N ASN A 370 -16.14 -17.89 -3.54
CA ASN A 370 -14.97 -18.35 -4.32
C ASN A 370 -15.34 -18.37 -5.79
N TYR A 371 -16.56 -18.83 -6.06
CA TYR A 371 -17.05 -18.90 -7.44
C TYR A 371 -17.17 -17.51 -8.01
N ALA A 372 -17.87 -16.63 -7.27
CA ALA A 372 -18.09 -15.26 -7.73
C ALA A 372 -16.79 -14.56 -8.07
N ILE A 373 -15.80 -14.68 -7.17
CA ILE A 373 -14.48 -14.13 -7.44
C ILE A 373 -13.87 -14.69 -8.73
N SER A 374 -14.01 -15.99 -8.95
CA SER A 374 -13.47 -16.61 -10.17
C SER A 374 -14.11 -16.01 -11.44
N LYS A 375 -15.30 -15.43 -11.32
CA LYS A 375 -15.95 -14.89 -12.51
C LYS A 375 -15.92 -13.37 -12.59
N ASP A 376 -15.50 -12.70 -11.51
CA ASP A 376 -15.70 -11.25 -11.40
C ASP A 376 -14.46 -10.64 -10.76
N THR A 377 -13.59 -10.04 -11.57
CA THR A 377 -12.33 -9.51 -11.03
C THR A 377 -12.56 -8.29 -10.17
N GLY A 378 -13.75 -7.68 -10.29
CA GLY A 378 -14.11 -6.52 -9.45
C GLY A 378 -14.77 -6.88 -8.11
N PHE A 379 -15.02 -8.16 -7.86
CA PHE A 379 -15.75 -8.52 -6.66
C PHE A 379 -14.96 -8.07 -5.41
N VAL A 380 -13.67 -8.37 -5.37
CA VAL A 380 -12.90 -8.12 -4.16
C VAL A 380 -12.58 -6.67 -3.91
N THR A 381 -12.61 -5.83 -4.94
CA THR A 381 -12.42 -4.41 -4.75
C THR A 381 -13.75 -3.64 -4.68
N TYR A 382 -14.85 -4.29 -5.00
CA TYR A 382 -16.14 -3.61 -4.85
C TYR A 382 -16.48 -3.47 -3.36
N LYS A 383 -16.64 -2.26 -2.83
CA LYS A 383 -16.84 -2.14 -1.38
C LYS A 383 -18.27 -2.49 -0.96
N ASN A 384 -18.39 -3.56 -0.17
CA ASN A 384 -19.67 -4.03 0.33
C ASN A 384 -20.55 -2.85 0.74
N TRP A 385 -21.77 -2.85 0.24
CA TRP A 385 -22.67 -1.74 0.37
C TRP A 385 -23.98 -2.18 1.06
N PRO A 386 -24.28 -1.67 2.27
CA PRO A 386 -25.56 -2.02 2.90
C PRO A 386 -26.70 -1.30 2.21
N ILE A 387 -27.71 -2.06 1.76
CA ILE A 387 -28.80 -1.50 0.94
C ILE A 387 -30.14 -1.45 1.66
N TYR A 388 -30.22 -2.13 2.80
CA TYR A 388 -31.46 -2.20 3.54
C TYR A 388 -31.24 -2.62 4.99
N LYS A 389 -32.01 -2.04 5.91
CA LYS A 389 -32.05 -2.54 7.26
C LYS A 389 -33.41 -2.28 7.85
N ASP A 390 -33.82 -3.15 8.76
CA ASP A 390 -34.98 -2.86 9.61
C ASP A 390 -34.61 -3.35 11.01
N ASP A 391 -35.57 -3.49 11.92
CA ASP A 391 -35.20 -3.80 13.29
C ASP A 391 -34.52 -5.17 13.43
N THR A 392 -34.77 -6.05 12.48
CA THR A 392 -34.39 -7.45 12.61
C THR A 392 -33.69 -7.94 11.36
N THR A 393 -33.30 -7.03 10.49
CA THR A 393 -32.80 -7.39 9.15
C THR A 393 -31.71 -6.46 8.63
N ILE A 394 -30.73 -7.01 7.93
CA ILE A 394 -29.78 -6.16 7.22
C ILE A 394 -29.49 -6.80 5.90
N ALA A 395 -29.45 -5.98 4.86
CA ALA A 395 -29.16 -6.52 3.54
C ALA A 395 -27.97 -5.77 2.93
N MET A 396 -27.18 -6.46 2.12
CA MET A 396 -25.95 -5.82 1.62
C MET A 396 -25.64 -6.35 0.26
N ARG A 397 -24.86 -5.60 -0.51
CA ARG A 397 -24.66 -5.92 -1.91
C ARG A 397 -23.17 -5.84 -2.23
N LYS A 398 -22.67 -6.83 -2.93
CA LYS A 398 -21.25 -6.90 -3.27
C LYS A 398 -20.98 -7.62 -4.60
N GLY A 399 -20.28 -6.91 -5.49
CA GLY A 399 -19.94 -7.44 -6.76
C GLY A 399 -20.34 -6.50 -7.87
N THR A 400 -19.67 -6.66 -9.00
CA THR A 400 -19.95 -5.86 -10.18
C THR A 400 -21.41 -6.08 -10.61
N ASP A 401 -22.07 -4.97 -10.96
CA ASP A 401 -23.43 -4.97 -11.51
C ASP A 401 -23.60 -6.09 -12.52
N GLY A 402 -24.67 -6.85 -12.33
CA GLY A 402 -24.93 -8.03 -13.14
C GLY A 402 -24.36 -9.32 -12.60
N SER A 403 -23.41 -9.20 -11.66
CA SER A 403 -22.77 -10.35 -11.00
C SER A 403 -22.77 -10.24 -9.46
N GLN A 404 -23.55 -9.33 -8.91
CA GLN A 404 -23.50 -9.05 -7.47
C GLN A 404 -24.14 -10.16 -6.64
N ILE A 405 -23.54 -10.39 -5.47
CA ILE A 405 -24.12 -11.20 -4.41
C ILE A 405 -24.90 -10.24 -3.51
N VAL A 406 -26.17 -10.57 -3.33
CA VAL A 406 -27.02 -9.79 -2.46
C VAL A 406 -27.40 -10.69 -1.28
N THR A 407 -27.02 -10.25 -0.08
CA THR A 407 -27.15 -11.08 1.13
C THR A 407 -28.14 -10.46 2.07
N ILE A 408 -29.09 -11.28 2.55
CA ILE A 408 -30.07 -10.74 3.47
C ILE A 408 -29.90 -11.49 4.78
N LEU A 409 -29.62 -10.76 5.85
CA LEU A 409 -29.40 -11.37 7.15
C LEU A 409 -30.44 -10.97 8.15
N SER A 410 -30.72 -11.90 9.06
CA SER A 410 -31.77 -11.73 10.03
C SER A 410 -31.27 -12.04 11.45
N ASN A 411 -31.78 -11.29 12.43
CA ASN A 411 -31.62 -11.71 13.82
C ASN A 411 -32.91 -12.20 14.47
N LYS A 412 -33.88 -12.60 13.66
CA LYS A 412 -35.11 -13.21 14.22
C LYS A 412 -34.83 -14.54 14.94
N GLY A 413 -33.76 -15.24 14.58
CA GLY A 413 -33.44 -16.49 15.29
C GLY A 413 -34.28 -17.64 14.80
N ALA A 414 -34.08 -18.81 15.37
CA ALA A 414 -34.61 -20.04 14.82
C ALA A 414 -36.13 -20.08 14.94
N SER A 415 -36.69 -19.28 15.83
CA SER A 415 -38.13 -19.31 15.98
C SER A 415 -38.83 -18.29 15.06
N GLY A 416 -38.03 -17.56 14.28
CA GLY A 416 -38.53 -16.56 13.32
C GLY A 416 -39.71 -16.96 12.44
N ASP A 417 -40.72 -16.09 12.35
CA ASP A 417 -41.94 -16.34 11.57
C ASP A 417 -41.64 -16.30 10.07
N SER A 418 -42.43 -17.01 9.26
CA SER A 418 -42.23 -16.89 7.81
C SER A 418 -43.02 -15.76 7.15
N TYR A 419 -42.39 -15.13 6.17
CA TYR A 419 -42.91 -13.92 5.58
C TYR A 419 -42.05 -13.57 4.38
N THR A 420 -42.46 -12.55 3.63
CA THR A 420 -41.72 -12.23 2.42
C THR A 420 -41.21 -10.81 2.52
N LEU A 421 -39.89 -10.65 2.43
CA LEU A 421 -39.31 -9.33 2.40
C LEU A 421 -39.28 -8.85 0.97
N SER A 422 -39.87 -7.68 0.73
CA SER A 422 -39.79 -7.03 -0.58
C SER A 422 -38.55 -6.15 -0.61
N LEU A 423 -37.50 -6.64 -1.26
CA LEU A 423 -36.21 -5.99 -1.13
C LEU A 423 -35.92 -5.06 -2.30
N SER A 424 -35.84 -3.77 -2.01
CA SER A 424 -35.42 -2.82 -3.03
C SER A 424 -33.92 -2.44 -2.92
N GLY A 425 -33.30 -2.12 -4.05
CA GLY A 425 -31.93 -1.62 -4.06
C GLY A 425 -30.86 -2.65 -4.35
N ALA A 426 -31.29 -3.88 -4.66
CA ALA A 426 -30.39 -4.99 -4.99
C ALA A 426 -29.78 -4.82 -6.38
N GLY A 427 -30.47 -4.04 -7.23
CA GLY A 427 -29.94 -3.68 -8.53
C GLY A 427 -29.99 -4.74 -9.60
N TYR A 428 -30.75 -5.80 -9.38
CA TYR A 428 -30.90 -6.83 -10.43
C TYR A 428 -31.94 -6.35 -11.44
N THR A 429 -31.86 -6.89 -12.66
CA THR A 429 -32.80 -6.44 -13.70
C THR A 429 -34.16 -7.10 -13.59
N ALA A 430 -35.20 -6.29 -13.73
CA ALA A 430 -36.58 -6.77 -13.66
C ALA A 430 -36.74 -8.17 -14.28
N GLY A 431 -37.37 -9.10 -13.56
CA GLY A 431 -37.59 -10.44 -14.14
C GLY A 431 -36.35 -11.33 -14.21
N GLN A 432 -35.24 -10.88 -13.64
CA GLN A 432 -34.08 -11.76 -13.56
C GLN A 432 -34.35 -12.88 -12.55
N GLN A 433 -33.92 -14.08 -12.92
CA GLN A 433 -33.97 -15.22 -12.01
C GLN A 433 -32.71 -15.28 -11.18
N LEU A 434 -32.89 -15.33 -9.87
CA LEU A 434 -31.78 -15.48 -8.95
C LEU A 434 -31.88 -16.85 -8.27
N THR A 435 -30.73 -17.36 -7.85
CA THR A 435 -30.65 -18.52 -7.00
C THR A 435 -30.28 -18.06 -5.60
N GLU A 436 -31.06 -18.52 -4.60
CA GLU A 436 -30.68 -18.32 -3.19
C GLU A 436 -29.76 -19.51 -2.88
N VAL A 437 -28.45 -19.25 -2.73
CA VAL A 437 -27.46 -20.33 -2.79
C VAL A 437 -27.20 -21.07 -1.49
N ILE A 438 -27.81 -20.61 -0.39
CA ILE A 438 -27.70 -21.34 0.89
C ILE A 438 -28.72 -22.49 0.90
N GLY A 439 -29.97 -22.18 0.58
CA GLY A 439 -31.03 -23.20 0.60
C GLY A 439 -31.28 -23.77 -0.79
N CYS A 440 -30.60 -23.25 -1.81
CA CYS A 440 -30.77 -23.71 -3.20
C CYS A 440 -32.22 -23.59 -3.67
N THR A 441 -32.71 -22.37 -3.66
CA THR A 441 -34.07 -22.07 -3.98
C THR A 441 -33.97 -20.99 -5.07
N THR A 442 -35.04 -20.77 -5.83
CA THR A 442 -34.94 -19.74 -6.87
C THR A 442 -35.89 -18.60 -6.58
N VAL A 443 -35.47 -17.38 -6.94
CA VAL A 443 -36.27 -16.17 -6.73
C VAL A 443 -36.28 -15.38 -8.03
N THR A 444 -37.40 -14.70 -8.31
CA THR A 444 -37.50 -13.96 -9.57
C THR A 444 -37.71 -12.49 -9.23
N VAL A 445 -36.86 -11.61 -9.75
CA VAL A 445 -36.98 -10.20 -9.42
C VAL A 445 -38.32 -9.68 -9.96
N GLY A 446 -38.98 -8.82 -9.20
CA GLY A 446 -40.26 -8.24 -9.61
C GLY A 446 -40.15 -7.43 -10.89
N SER A 447 -41.31 -7.06 -11.45
CA SER A 447 -41.29 -6.26 -12.65
C SER A 447 -41.06 -4.81 -12.23
N ASP A 448 -41.25 -4.53 -10.94
CA ASP A 448 -40.88 -3.25 -10.32
C ASP A 448 -39.40 -3.24 -9.90
N GLY A 449 -38.66 -4.30 -10.23
CA GLY A 449 -37.27 -4.41 -9.77
C GLY A 449 -37.01 -4.76 -8.30
N ASN A 450 -38.05 -4.97 -7.50
CA ASN A 450 -37.88 -5.46 -6.13
C ASN A 450 -37.75 -6.97 -6.16
N VAL A 451 -37.05 -7.51 -5.16
CA VAL A 451 -36.86 -8.94 -5.02
C VAL A 451 -37.75 -9.41 -3.88
N PRO A 452 -38.65 -10.35 -4.17
CA PRO A 452 -39.49 -10.89 -3.11
C PRO A 452 -38.70 -11.96 -2.37
N VAL A 453 -38.15 -11.62 -1.19
CA VAL A 453 -37.34 -12.61 -0.50
C VAL A 453 -38.16 -13.32 0.57
N PRO A 454 -38.36 -14.63 0.38
CA PRO A 454 -39.02 -15.43 1.41
C PRO A 454 -38.08 -15.58 2.58
N MET A 455 -38.59 -15.22 3.74
CA MET A 455 -37.89 -15.27 5.01
C MET A 455 -38.55 -16.34 5.87
N ALA A 456 -37.72 -17.13 6.57
CA ALA A 456 -38.21 -18.25 7.39
C ALA A 456 -37.13 -18.78 8.32
N GLY A 457 -37.54 -19.12 9.54
CA GLY A 457 -36.65 -19.60 10.60
C GLY A 457 -35.41 -18.76 10.86
N GLY A 458 -35.54 -17.46 10.66
CA GLY A 458 -34.43 -16.50 10.74
C GLY A 458 -33.21 -16.82 9.90
N LEU A 459 -33.41 -17.45 8.76
CA LEU A 459 -32.33 -18.07 8.02
C LEU A 459 -31.67 -17.03 7.11
N PRO A 460 -30.33 -17.12 6.92
CA PRO A 460 -29.71 -16.11 5.99
C PRO A 460 -30.02 -16.48 4.55
N ARG A 461 -30.15 -15.46 3.69
CA ARG A 461 -30.43 -15.69 2.25
C ARG A 461 -29.29 -15.03 1.47
N VAL A 462 -28.75 -15.73 0.48
CA VAL A 462 -27.65 -15.20 -0.32
C VAL A 462 -28.04 -15.43 -1.76
N LEU A 463 -28.30 -14.31 -2.46
CA LEU A 463 -28.77 -14.26 -3.87
C LEU A 463 -27.66 -14.00 -4.89
N TYR A 464 -27.77 -14.66 -6.03
CA TYR A 464 -26.84 -14.52 -7.12
C TYR A 464 -27.65 -14.90 -8.36
N PRO A 465 -27.33 -14.29 -9.51
CA PRO A 465 -27.99 -14.60 -10.80
C PRO A 465 -27.81 -16.05 -11.28
N THR A 466 -28.93 -16.73 -11.52
CA THR A 466 -28.88 -18.14 -11.89
C THR A 466 -28.10 -18.38 -13.20
N GLU A 467 -28.24 -17.45 -14.14
CA GLU A 467 -27.51 -17.54 -15.42
C GLU A 467 -25.99 -17.59 -15.18
N LYS A 468 -25.52 -16.81 -14.22
CA LYS A 468 -24.09 -16.74 -13.88
C LYS A 468 -23.56 -18.03 -13.23
N LEU A 469 -24.48 -18.87 -12.77
CA LEU A 469 -24.14 -20.14 -12.14
C LEU A 469 -23.86 -21.25 -13.12
N ALA A 470 -24.11 -21.00 -14.40
CA ALA A 470 -23.96 -22.04 -15.42
C ALA A 470 -22.57 -22.68 -15.36
N GLY A 471 -22.52 -23.99 -15.30
CA GLY A 471 -21.24 -24.70 -15.30
C GLY A 471 -20.70 -25.02 -13.91
N SER A 472 -21.10 -24.24 -12.90
CA SER A 472 -20.61 -24.46 -11.53
C SER A 472 -21.25 -25.67 -10.86
N LYS A 473 -20.70 -26.05 -9.71
CA LYS A 473 -21.22 -27.16 -8.93
C LYS A 473 -22.08 -26.63 -7.79
N ILE A 474 -22.62 -25.43 -7.93
CA ILE A 474 -23.42 -24.81 -6.87
C ILE A 474 -24.90 -25.06 -7.09
N CYS A 475 -25.57 -25.58 -6.07
CA CYS A 475 -27.01 -25.84 -6.19
C CYS A 475 -27.32 -26.74 -7.39
N SER A 476 -26.53 -27.79 -7.55
CA SER A 476 -26.71 -28.74 -8.64
C SER A 476 -28.02 -29.51 -8.49
N ALA B 1 23.33 6.63 -3.63
CA ALA B 1 22.45 6.67 -2.42
C ALA B 1 21.38 5.63 -2.58
N THR B 2 20.93 5.07 -1.45
CA THR B 2 20.03 3.93 -1.41
C THR B 2 18.58 4.40 -1.63
N PRO B 3 17.69 3.45 -1.98
CA PRO B 3 16.26 3.80 -1.94
C PRO B 3 15.79 4.48 -0.63
N ALA B 4 16.28 4.00 0.52
CA ALA B 4 15.93 4.55 1.80
C ALA B 4 16.40 6.00 1.88
N ASP B 5 17.61 6.27 1.39
CA ASP B 5 18.13 7.64 1.41
C ASP B 5 17.23 8.58 0.56
N TRP B 6 16.74 8.06 -0.56
CA TRP B 6 15.97 8.84 -1.54
C TRP B 6 14.53 9.17 -1.12
N ARG B 7 13.96 8.42 -0.17
CA ARG B 7 12.58 8.69 0.23
C ARG B 7 12.37 10.09 0.70
N SER B 8 13.41 10.67 1.31
CA SER B 8 13.21 12.00 1.87
C SER B 8 13.59 13.12 0.90
N GLN B 9 14.02 12.76 -0.30
CA GLN B 9 14.46 13.80 -1.25
C GLN B 9 13.28 14.49 -1.96
N SER B 10 13.60 15.63 -2.59
CA SER B 10 12.62 16.34 -3.41
C SER B 10 13.37 16.80 -4.67
N ILE B 11 12.87 16.41 -5.84
CA ILE B 11 13.65 16.59 -7.07
C ILE B 11 13.16 17.74 -7.99
N TYR B 12 14.10 18.53 -8.48
CA TYR B 12 13.86 19.45 -9.57
C TYR B 12 14.43 18.81 -10.80
N PHE B 13 13.52 18.49 -11.71
CA PHE B 13 13.83 17.89 -13.00
C PHE B 13 14.09 18.99 -14.04
N LEU B 14 15.23 18.92 -14.71
CA LEU B 14 15.50 19.92 -15.75
C LEU B 14 16.09 19.30 -17.03
N LEU B 15 15.90 20.00 -18.16
CA LEU B 15 16.57 19.60 -19.44
C LEU B 15 17.88 20.38 -19.45
N THR B 16 18.98 19.66 -19.52
CA THR B 16 20.28 20.34 -19.46
C THR B 16 20.42 21.43 -20.54
N ASP B 17 19.89 21.16 -21.73
CA ASP B 17 20.00 22.13 -22.81
C ASP B 17 19.18 23.39 -22.57
N ARG B 18 18.21 23.30 -21.66
CA ARG B 18 17.20 24.32 -21.58
C ARG B 18 17.17 25.05 -20.24
N PHE B 19 17.97 24.64 -19.27
CA PHE B 19 17.89 25.27 -17.93
C PHE B 19 18.73 26.57 -17.73
N ALA B 20 20.05 26.46 -17.99
CA ALA B 20 21.01 27.54 -17.71
C ALA B 20 22.22 27.47 -18.63
N ARG B 21 22.47 28.58 -19.32
CA ARG B 21 23.62 28.68 -20.22
C ARG B 21 24.88 29.01 -19.43
N THR B 22 26.07 28.69 -19.94
CA THR B 22 27.30 29.05 -19.22
C THR B 22 27.44 30.57 -19.00
N ASP B 23 27.04 31.33 -20.01
CA ASP B 23 27.14 32.79 -19.95
C ASP B 23 26.06 33.42 -19.07
N GLY B 24 25.12 32.61 -18.55
CA GLY B 24 24.09 33.13 -17.63
C GLY B 24 23.05 34.06 -18.22
N SER B 25 22.98 34.09 -19.55
CA SER B 25 22.04 34.97 -20.22
C SER B 25 20.57 34.63 -19.87
N THR B 26 19.74 35.64 -19.66
CA THR B 26 18.31 35.39 -19.48
C THR B 26 17.47 35.91 -20.69
N THR B 27 18.15 36.13 -21.83
CA THR B 27 17.50 36.62 -23.04
C THR B 27 17.95 35.90 -24.31
N ALA B 28 18.90 35.01 -24.17
CA ALA B 28 19.38 34.23 -25.33
C ALA B 28 18.21 33.43 -25.92
N THR B 29 18.02 33.54 -27.24
CA THR B 29 16.85 33.02 -27.92
C THR B 29 16.73 31.50 -27.73
N CYS B 30 15.51 31.04 -27.50
CA CYS B 30 15.26 29.61 -27.54
C CYS B 30 13.87 29.42 -28.03
N ASN B 31 13.76 29.20 -29.34
CA ASN B 31 12.48 28.97 -29.97
C ASN B 31 12.19 27.47 -29.92
N THR B 32 11.25 27.04 -29.08
CA THR B 32 11.06 25.57 -28.93
C THR B 32 10.72 24.90 -30.25
N ALA B 33 10.05 25.62 -31.14
CA ALA B 33 9.58 25.04 -32.40
C ALA B 33 10.77 24.65 -33.26
N ASP B 34 11.91 25.36 -33.12
CA ASP B 34 13.12 25.05 -33.92
C ASP B 34 13.68 23.69 -33.54
N GLN B 35 13.39 23.26 -32.30
CA GLN B 35 13.94 22.02 -31.77
C GLN B 35 15.45 21.91 -31.91
N LYS B 36 16.18 23.00 -31.67
CA LYS B 36 17.66 22.91 -31.74
C LYS B 36 18.34 23.13 -30.35
N TYR B 37 19.63 22.82 -30.26
CA TYR B 37 20.32 23.06 -29.02
C TYR B 37 20.19 24.54 -28.85
N CYS B 38 19.84 24.95 -27.64
CA CYS B 38 19.73 26.34 -27.24
C CYS B 38 20.90 26.74 -26.33
N GLY B 39 21.70 25.76 -25.94
CA GLY B 39 22.98 26.07 -25.26
C GLY B 39 23.08 25.88 -23.76
N GLY B 40 22.09 25.24 -23.12
CA GLY B 40 22.22 24.92 -21.68
C GLY B 40 23.41 23.98 -21.38
N THR B 41 24.07 24.16 -20.23
CA THR B 41 25.23 23.32 -19.92
C THR B 41 25.26 22.96 -18.44
N TRP B 42 26.10 21.99 -18.10
CA TRP B 42 26.29 21.54 -16.73
C TRP B 42 26.84 22.70 -15.91
N GLN B 43 27.74 23.48 -16.50
CA GLN B 43 28.24 24.67 -15.75
C GLN B 43 27.10 25.65 -15.47
N GLY B 44 26.19 25.82 -16.43
CA GLY B 44 25.06 26.75 -16.23
C GLY B 44 24.30 26.25 -14.99
N ILE B 45 24.06 24.95 -14.92
CA ILE B 45 23.31 24.43 -13.77
C ILE B 45 24.02 24.78 -12.47
N ILE B 46 25.32 24.48 -12.39
CA ILE B 46 26.11 24.81 -11.19
C ILE B 46 25.84 26.24 -10.73
N ASP B 47 25.84 27.16 -11.70
CA ASP B 47 25.74 28.58 -11.37
C ASP B 47 24.39 29.04 -10.85
N LYS B 48 23.36 28.20 -11.02
CA LYS B 48 22.01 28.53 -10.60
C LYS B 48 21.52 27.57 -9.52
N LEU B 49 22.43 26.87 -8.85
CA LEU B 49 22.03 26.02 -7.75
C LEU B 49 21.36 26.76 -6.57
N ASP B 50 21.73 28.01 -6.29
CA ASP B 50 21.01 28.79 -5.25
C ASP B 50 19.51 28.94 -5.59
N TYR B 51 19.23 29.18 -6.86
CA TYR B 51 17.85 29.31 -7.29
C TYR B 51 17.05 28.02 -7.03
N ILE B 52 17.59 26.88 -7.46
CA ILE B 52 16.97 25.57 -7.14
C ILE B 52 16.85 25.29 -5.63
N GLN B 53 17.94 25.45 -4.89
CA GLN B 53 17.93 25.16 -3.49
C GLN B 53 16.99 26.07 -2.71
N GLY B 54 16.85 27.31 -3.18
CA GLY B 54 16.00 28.27 -2.51
C GLY B 54 14.52 27.87 -2.52
N MET B 55 14.16 26.93 -3.42
CA MET B 55 12.82 26.34 -3.38
C MET B 55 12.70 25.11 -2.48
N GLY B 56 13.80 24.72 -1.84
CA GLY B 56 13.79 23.62 -0.88
C GLY B 56 13.94 22.26 -1.51
N PHE B 57 14.40 22.19 -2.78
CA PHE B 57 14.68 20.89 -3.45
C PHE B 57 15.98 20.38 -2.87
N THR B 58 16.13 19.04 -2.83
CA THR B 58 17.31 18.39 -2.24
C THR B 58 18.11 17.65 -3.31
N ALA B 59 17.60 17.69 -4.56
CA ALA B 59 18.07 16.80 -5.64
C ALA B 59 17.69 17.41 -6.99
N ILE B 60 18.47 17.09 -8.01
CA ILE B 60 18.09 17.44 -9.39
C ILE B 60 18.16 16.16 -10.24
N TRP B 61 17.26 16.08 -11.22
CA TRP B 61 17.32 15.08 -12.27
C TRP B 61 17.65 15.83 -13.56
N ILE B 62 18.74 15.44 -14.21
CA ILE B 62 19.09 16.01 -15.51
C ILE B 62 18.98 14.99 -16.62
N THR B 63 18.78 15.47 -17.84
CA THR B 63 18.55 14.60 -18.99
C THR B 63 19.86 13.88 -19.34
N PRO B 64 19.79 12.85 -20.21
CA PRO B 64 20.89 11.96 -20.51
C PRO B 64 22.17 12.68 -20.96
N VAL B 65 23.30 12.08 -20.65
CA VAL B 65 24.58 12.78 -20.77
C VAL B 65 25.45 12.17 -21.91
N THR B 66 25.00 11.07 -22.50
CA THR B 66 25.79 10.37 -23.51
C THR B 66 25.80 11.09 -24.86
N ALA B 67 26.81 10.81 -25.67
CA ALA B 67 26.93 11.51 -26.95
C ALA B 67 25.84 10.98 -27.88
N GLN B 68 25.35 11.88 -28.72
CA GLN B 68 24.09 11.72 -29.44
C GLN B 68 24.37 11.64 -30.93
N LEU B 69 23.34 11.33 -31.71
CA LEU B 69 23.47 11.56 -33.13
C LEU B 69 23.80 13.04 -33.38
N PRO B 70 24.62 13.31 -34.41
CA PRO B 70 25.07 14.65 -34.75
C PRO B 70 24.10 15.50 -35.55
N GLN B 71 23.20 14.84 -36.30
CA GLN B 71 22.37 15.57 -37.24
C GLN B 71 21.32 16.47 -36.62
N THR B 72 21.03 17.57 -37.31
CA THR B 72 19.72 18.23 -37.14
C THR B 72 18.76 17.43 -37.99
N THR B 73 17.96 16.60 -37.32
CA THR B 73 17.02 15.72 -38.04
C THR B 73 15.86 16.58 -38.49
N ALA B 74 14.88 15.97 -39.19
CA ALA B 74 13.63 16.70 -39.46
C ALA B 74 12.84 17.03 -38.17
N TYR B 75 13.20 16.38 -37.07
CA TYR B 75 12.66 16.69 -35.77
C TYR B 75 13.63 17.49 -34.91
N GLY B 76 14.66 18.09 -35.51
CA GLY B 76 15.58 18.93 -34.76
C GLY B 76 16.79 18.18 -34.25
N ASP B 77 17.51 18.81 -33.31
CA ASP B 77 18.73 18.28 -32.72
C ASP B 77 18.41 17.33 -31.58
N ALA B 78 19.41 16.55 -31.18
CA ALA B 78 19.27 15.64 -30.06
C ALA B 78 19.45 16.42 -28.75
N TYR B 79 18.84 17.60 -28.64
CA TYR B 79 19.07 18.53 -27.51
C TYR B 79 18.56 17.92 -26.21
N HIS B 80 17.61 16.99 -26.32
CA HIS B 80 16.99 16.36 -25.15
C HIS B 80 17.78 15.17 -24.55
N GLY B 81 18.77 14.66 -25.26
CA GLY B 81 19.61 13.54 -24.78
C GLY B 81 19.17 12.11 -25.03
N TYR B 82 18.02 11.93 -25.69
CA TYR B 82 17.45 10.56 -25.82
C TYR B 82 17.77 9.82 -27.11
N TRP B 83 18.68 10.38 -27.92
CA TRP B 83 19.08 9.72 -29.18
C TRP B 83 20.61 9.40 -29.22
N GLN B 84 21.07 8.56 -28.31
CA GLN B 84 22.51 8.38 -28.08
C GLN B 84 23.12 7.52 -29.19
N GLN B 85 24.41 7.72 -29.44
CA GLN B 85 25.07 6.84 -30.36
C GLN B 85 26.39 6.32 -29.76
N ASP B 86 27.04 7.12 -28.93
CA ASP B 86 28.27 6.64 -28.27
C ASP B 86 28.21 6.81 -26.75
N ILE B 87 27.94 5.70 -26.06
CA ILE B 87 27.65 5.76 -24.61
C ILE B 87 28.93 5.96 -23.80
N TYR B 88 30.09 5.83 -24.44
CA TYR B 88 31.33 6.11 -23.72
C TYR B 88 31.94 7.47 -23.99
N SER B 89 31.21 8.36 -24.64
CA SER B 89 31.53 9.77 -24.66
C SER B 89 30.37 10.58 -24.12
N LEU B 90 30.65 11.82 -23.72
CA LEU B 90 29.62 12.76 -23.28
C LEU B 90 29.17 13.64 -24.44
N ASN B 91 28.00 14.24 -24.25
CA ASN B 91 27.46 15.18 -25.21
C ASN B 91 28.22 16.52 -25.04
N GLU B 92 29.07 16.84 -26.01
CA GLU B 92 29.95 18.00 -25.95
C GLU B 92 29.17 19.27 -25.74
N ASN B 93 27.91 19.27 -26.13
CA ASN B 93 27.10 20.47 -25.98
C ASN B 93 26.99 20.94 -24.54
N TYR B 94 26.94 19.99 -23.60
CA TYR B 94 26.74 20.39 -22.21
C TYR B 94 28.03 20.66 -21.46
N GLY B 95 29.17 20.34 -22.07
CA GLY B 95 30.45 20.57 -21.41
C GLY B 95 31.35 19.35 -21.44
N THR B 96 32.27 19.29 -20.48
CA THR B 96 33.28 18.23 -20.45
C THR B 96 32.98 17.29 -19.29
N ALA B 97 33.72 16.18 -19.23
CA ALA B 97 33.67 15.25 -18.11
C ALA B 97 33.97 15.95 -16.79
N ASP B 98 34.93 16.87 -16.77
CA ASP B 98 35.23 17.62 -15.54
C ASP B 98 34.06 18.51 -15.14
N ASP B 99 33.34 19.05 -16.11
CA ASP B 99 32.16 19.86 -15.82
C ASP B 99 31.08 18.99 -15.16
N LEU B 100 30.87 17.78 -15.67
CA LEU B 100 29.84 16.90 -15.09
C LEU B 100 30.28 16.52 -13.68
N LYS B 101 31.57 16.20 -13.50
CA LYS B 101 32.06 15.91 -12.13
C LYS B 101 31.92 17.12 -11.22
N ALA B 102 32.12 18.29 -11.78
CA ALA B 102 32.06 19.50 -10.98
C ALA B 102 30.61 19.78 -10.59
N LEU B 103 29.67 19.38 -11.45
CA LEU B 103 28.23 19.52 -11.12
C LEU B 103 27.89 18.61 -9.95
N SER B 104 28.32 17.37 -10.04
CA SER B 104 28.11 16.39 -8.99
C SER B 104 28.70 16.95 -7.67
N SER B 105 29.92 17.48 -7.74
CA SER B 105 30.54 18.02 -6.51
C SER B 105 29.76 19.19 -5.92
N ALA B 106 29.37 20.14 -6.75
CA ALA B 106 28.69 21.33 -6.24
C ALA B 106 27.36 20.95 -5.56
N LEU B 107 26.68 19.94 -6.09
CA LEU B 107 25.49 19.42 -5.40
C LEU B 107 25.88 18.84 -4.02
N HIS B 108 26.90 18.00 -4.02
CA HIS B 108 27.35 17.37 -2.79
C HIS B 108 27.80 18.39 -1.74
N GLU B 109 28.48 19.42 -2.21
CA GLU B 109 28.91 20.50 -1.33
C GLU B 109 27.71 21.17 -0.67
N ARG B 110 26.53 21.09 -1.30
CA ARG B 110 25.32 21.65 -0.67
C ARG B 110 24.42 20.63 0.02
N GLY B 111 24.85 19.36 0.10
CA GLY B 111 24.05 18.30 0.69
C GLY B 111 22.88 17.86 -0.24
N MET B 112 23.08 18.07 -1.55
CA MET B 112 22.09 17.71 -2.59
C MET B 112 22.54 16.49 -3.39
N TYR B 113 21.57 15.84 -4.07
CA TYR B 113 21.87 14.63 -4.82
C TYR B 113 21.81 14.94 -6.30
N LEU B 114 22.58 14.16 -7.07
CA LEU B 114 22.55 14.24 -8.51
C LEU B 114 21.87 12.96 -9.02
N MET B 115 20.77 13.13 -9.74
CA MET B 115 20.12 11.97 -10.43
C MET B 115 20.28 12.19 -11.92
N VAL B 116 20.63 11.13 -12.67
CA VAL B 116 20.94 11.30 -14.10
C VAL B 116 20.01 10.36 -14.84
N ASP B 117 19.44 10.84 -15.94
CA ASP B 117 18.52 10.09 -16.82
C ASP B 117 19.38 9.15 -17.70
N VAL B 118 18.98 7.88 -17.82
CA VAL B 118 19.70 6.91 -18.69
C VAL B 118 18.72 6.14 -19.56
N VAL B 119 19.19 5.79 -20.76
CA VAL B 119 18.43 4.98 -21.70
C VAL B 119 19.22 3.74 -21.93
N ALA B 120 18.59 2.59 -21.70
CA ALA B 120 19.16 1.28 -22.09
C ALA B 120 18.44 0.69 -23.32
N ASN B 121 17.21 1.15 -23.59
CA ASN B 121 16.37 0.50 -24.63
C ASN B 121 16.88 0.68 -26.06
N HIS B 122 17.40 1.87 -26.36
CA HIS B 122 17.68 2.22 -27.76
C HIS B 122 18.83 3.21 -27.96
N MET B 123 19.36 3.17 -29.17
CA MET B 123 20.20 4.22 -29.71
C MET B 123 19.29 5.14 -30.52
N GLY B 124 19.88 6.19 -31.11
CA GLY B 124 19.16 7.07 -31.97
C GLY B 124 19.82 7.12 -33.34
N TYR B 125 19.01 7.37 -34.36
CA TYR B 125 19.55 7.42 -35.73
C TYR B 125 18.69 8.31 -36.62
N ASP B 126 19.34 9.23 -37.34
CA ASP B 126 18.65 10.10 -38.31
C ASP B 126 18.28 9.32 -39.57
N GLY B 127 17.02 8.95 -39.69
CA GLY B 127 16.62 8.25 -40.89
C GLY B 127 15.74 7.06 -40.59
N ALA B 128 15.31 6.45 -41.67
CA ALA B 128 14.46 5.26 -41.59
C ALA B 128 15.26 4.05 -41.11
N GLY B 129 14.55 3.09 -40.52
CA GLY B 129 15.12 1.86 -40.00
C GLY B 129 15.93 1.03 -40.96
N SER B 130 15.47 0.92 -42.21
CA SER B 130 16.28 0.25 -43.25
C SER B 130 17.63 0.89 -43.61
N SER B 131 17.82 2.16 -43.26
CA SER B 131 18.99 2.91 -43.66
C SER B 131 20.03 2.97 -42.54
N VAL B 132 19.73 2.35 -41.40
CA VAL B 132 20.63 2.41 -40.27
C VAL B 132 21.98 1.75 -40.56
N ASP B 133 23.04 2.52 -40.38
CA ASP B 133 24.38 1.94 -40.39
C ASP B 133 24.82 1.66 -38.96
N TYR B 134 24.83 0.40 -38.56
CA TYR B 134 25.04 0.06 -37.17
C TYR B 134 26.46 0.29 -36.72
N SER B 135 27.38 0.40 -37.69
CA SER B 135 28.75 0.69 -37.31
C SER B 135 28.94 2.02 -36.57
N VAL B 136 27.93 2.91 -36.55
CA VAL B 136 28.16 4.23 -35.91
C VAL B 136 27.88 4.19 -34.40
N PHE B 137 27.31 3.08 -33.95
CA PHE B 137 27.02 2.92 -32.54
C PHE B 137 28.23 2.41 -31.80
N LYS B 138 28.53 2.99 -30.64
CA LYS B 138 29.59 2.43 -29.76
C LYS B 138 29.06 2.22 -28.34
N PRO B 139 29.26 1.00 -27.81
CA PRO B 139 30.03 -0.08 -28.45
C PRO B 139 29.20 -1.04 -29.33
N PHE B 140 27.90 -0.79 -29.48
CA PHE B 140 26.99 -1.74 -30.14
C PHE B 140 27.07 -1.61 -31.69
N SER B 141 28.27 -1.78 -32.19
CA SER B 141 28.59 -1.40 -33.58
C SER B 141 28.23 -2.44 -34.65
N SER B 142 27.23 -3.27 -34.35
CA SER B 142 26.75 -4.27 -35.30
C SER B 142 25.26 -4.57 -35.14
N GLN B 143 24.63 -4.98 -36.23
CA GLN B 143 23.22 -5.29 -36.22
C GLN B 143 22.90 -6.46 -35.28
N ASP B 144 23.89 -7.30 -35.00
CA ASP B 144 23.64 -8.47 -34.16
C ASP B 144 23.30 -8.05 -32.72
N TYR B 145 23.49 -6.79 -32.43
CA TYR B 145 23.22 -6.30 -31.08
C TYR B 145 21.74 -5.90 -30.93
N PHE B 146 21.04 -5.84 -32.06
CA PHE B 146 19.70 -5.22 -32.10
C PHE B 146 18.60 -6.18 -32.48
N HIS B 147 17.37 -5.83 -32.08
CA HIS B 147 16.20 -6.54 -32.57
C HIS B 147 16.03 -6.25 -34.06
N PRO B 148 15.51 -7.23 -34.82
CA PRO B 148 15.09 -6.95 -36.19
C PRO B 148 14.14 -5.74 -36.26
N PHE B 149 14.22 -4.99 -37.34
CA PHE B 149 13.53 -3.71 -37.45
C PHE B 149 12.04 -3.95 -37.63
N CYS B 150 11.21 -3.36 -36.76
CA CYS B 150 9.74 -3.28 -36.90
C CYS B 150 9.35 -2.14 -35.98
N PHE B 151 8.26 -1.45 -36.29
CA PHE B 151 7.75 -0.43 -35.33
C PHE B 151 6.79 -1.11 -34.36
N ILE B 152 6.64 -0.52 -33.18
CA ILE B 152 5.61 -0.97 -32.27
C ILE B 152 4.31 -0.32 -32.76
N GLN B 153 3.31 -1.16 -32.99
CA GLN B 153 2.01 -0.63 -33.34
C GLN B 153 0.92 -1.11 -32.39
N ASN B 154 1.14 -2.24 -31.76
CA ASN B 154 0.13 -2.79 -30.85
C ASN B 154 0.60 -2.73 -29.43
N TYR B 155 0.16 -1.72 -28.69
CA TYR B 155 0.67 -1.59 -27.31
C TYR B 155 0.06 -2.60 -26.34
N GLU B 156 -0.96 -3.32 -26.80
CA GLU B 156 -1.55 -4.40 -26.01
C GLU B 156 -0.72 -5.69 -26.08
N ASP B 157 0.27 -5.72 -26.96
CA ASP B 157 1.10 -6.91 -27.17
C ASP B 157 2.45 -6.63 -26.56
N GLN B 158 2.60 -7.00 -25.28
CA GLN B 158 3.81 -6.61 -24.51
C GLN B 158 5.09 -7.05 -25.19
N THR B 159 5.04 -8.21 -25.84
CA THR B 159 6.21 -8.72 -26.58
C THR B 159 6.64 -7.79 -27.72
N GLN B 160 5.69 -7.20 -28.43
CA GLN B 160 6.01 -6.27 -29.50
C GLN B 160 6.49 -4.95 -28.89
N VAL B 161 5.91 -4.57 -27.75
CA VAL B 161 6.33 -3.34 -27.03
C VAL B 161 7.83 -3.40 -26.68
N GLU B 162 8.32 -4.60 -26.40
CA GLU B 162 9.67 -4.85 -25.94
C GLU B 162 10.59 -5.13 -27.10
N ASP B 163 10.09 -5.85 -28.10
CA ASP B 163 10.95 -6.35 -29.18
C ASP B 163 10.98 -5.45 -30.42
N CYS B 164 9.97 -4.61 -30.61
CA CYS B 164 10.01 -3.71 -31.78
C CYS B 164 10.57 -2.31 -31.45
N TRP B 165 10.72 -1.48 -32.47
CA TRP B 165 11.41 -0.21 -32.31
C TRP B 165 10.45 0.92 -32.01
N LEU B 166 10.91 1.83 -31.16
CA LEU B 166 10.27 3.10 -30.95
C LEU B 166 10.63 4.06 -32.10
N GLY B 167 10.01 5.23 -32.08
CA GLY B 167 10.30 6.23 -33.07
C GLY B 167 9.52 5.98 -34.35
N ASP B 168 10.03 6.56 -35.44
CA ASP B 168 9.37 6.47 -36.73
C ASP B 168 10.35 6.57 -37.87
N ASN B 169 9.86 6.88 -39.06
CA ASN B 169 10.72 6.90 -40.24
C ASN B 169 11.61 8.11 -40.31
N THR B 170 11.26 9.14 -39.55
CA THR B 170 12.07 10.36 -39.55
C THR B 170 13.27 10.22 -38.62
N VAL B 171 13.02 9.75 -37.41
CA VAL B 171 14.10 9.46 -36.46
C VAL B 171 13.82 8.06 -35.91
N SER B 172 14.69 7.10 -36.22
CA SER B 172 14.45 5.78 -35.66
C SER B 172 15.29 5.55 -34.40
N LEU B 173 14.85 4.64 -33.55
CA LEU B 173 15.45 4.36 -32.25
C LEU B 173 15.81 2.87 -32.23
N PRO B 174 16.94 2.51 -32.90
CA PRO B 174 17.31 1.13 -33.03
C PRO B 174 17.26 0.43 -31.68
N ASP B 175 16.41 -0.61 -31.62
CA ASP B 175 16.10 -1.28 -30.35
C ASP B 175 17.13 -2.35 -29.99
N LEU B 176 17.84 -2.13 -28.87
CA LEU B 176 18.83 -3.12 -28.40
C LEU B 176 18.18 -4.48 -28.06
N ASP B 177 18.80 -5.60 -28.45
CA ASP B 177 18.29 -6.90 -27.97
C ASP B 177 18.82 -7.24 -26.57
N THR B 178 18.11 -6.68 -25.60
CA THR B 178 18.47 -6.75 -24.20
C THR B 178 18.23 -8.15 -23.61
N THR B 179 17.80 -9.12 -24.44
CA THR B 179 17.75 -10.54 -24.05
C THR B 179 19.10 -11.21 -24.24
N LYS B 180 20.01 -10.55 -24.95
CA LYS B 180 21.30 -11.14 -25.25
C LYS B 180 22.25 -10.90 -24.10
N ASP B 181 22.94 -11.96 -23.70
CA ASP B 181 23.95 -11.82 -22.65
C ASP B 181 24.95 -10.73 -22.98
N VAL B 182 25.41 -10.60 -24.23
CA VAL B 182 26.39 -9.54 -24.50
C VAL B 182 25.83 -8.15 -24.22
N VAL B 183 24.56 -7.93 -24.58
CA VAL B 183 23.94 -6.63 -24.34
C VAL B 183 23.77 -6.37 -22.84
N LYS B 184 23.22 -7.33 -22.10
CA LYS B 184 23.20 -7.21 -20.62
C LYS B 184 24.58 -6.85 -20.02
N ASN B 185 25.63 -7.62 -20.34
CA ASN B 185 26.93 -7.36 -19.75
C ASN B 185 27.46 -5.97 -20.06
N GLU B 186 27.28 -5.53 -21.29
CA GLU B 186 27.83 -4.24 -21.67
C GLU B 186 27.10 -3.16 -20.88
N TRP B 187 25.78 -3.29 -20.79
CA TRP B 187 24.99 -2.23 -20.09
C TRP B 187 25.27 -2.24 -18.58
N TYR B 188 25.44 -3.43 -18.01
CA TYR B 188 25.70 -3.55 -16.58
C TYR B 188 27.07 -3.00 -16.21
N ASP B 189 28.11 -3.27 -17.01
CA ASP B 189 29.42 -2.66 -16.78
C ASP B 189 29.34 -1.16 -16.94
N TRP B 190 28.65 -0.73 -18.00
CA TRP B 190 28.49 0.70 -18.29
C TRP B 190 27.86 1.47 -17.13
N VAL B 191 26.71 0.99 -16.66
CA VAL B 191 25.96 1.80 -15.70
C VAL B 191 26.73 1.90 -14.36
N GLY B 192 27.37 0.79 -13.95
CA GLY B 192 28.30 0.84 -12.80
C GLY B 192 29.39 1.88 -12.96
N SER B 193 30.02 1.89 -14.13
CA SER B 193 31.08 2.81 -14.48
C SER B 193 30.64 4.30 -14.51
N LEU B 194 29.46 4.56 -15.05
CA LEU B 194 28.95 5.92 -15.18
C LEU B 194 28.71 6.45 -13.77
N VAL B 195 28.11 5.62 -12.93
CA VAL B 195 27.74 6.07 -11.57
C VAL B 195 29.00 6.40 -10.77
N SER B 196 29.96 5.50 -10.79
CA SER B 196 31.15 5.84 -10.05
C SER B 196 31.99 6.97 -10.73
N ASN B 197 32.09 7.04 -12.05
CA ASN B 197 32.91 8.12 -12.63
C ASN B 197 32.33 9.52 -12.30
N TYR B 198 31.00 9.66 -12.30
CA TYR B 198 30.46 10.99 -12.04
C TYR B 198 29.85 11.16 -10.64
N SER B 199 30.06 10.15 -9.78
CA SER B 199 29.57 10.20 -8.38
C SER B 199 28.06 10.50 -8.39
N ILE B 200 27.36 9.73 -9.19
CA ILE B 200 25.91 9.93 -9.35
C ILE B 200 25.16 9.26 -8.21
N ASP B 201 24.17 9.95 -7.65
CA ASP B 201 23.46 9.46 -6.46
C ASP B 201 22.20 8.57 -6.71
N GLY B 202 21.60 8.70 -7.89
CA GLY B 202 20.43 7.89 -8.26
C GLY B 202 20.19 8.03 -9.75
N LEU B 203 19.36 7.15 -10.35
CA LEU B 203 19.14 7.21 -11.80
C LEU B 203 17.64 7.27 -12.11
N ARG B 204 17.27 8.04 -13.14
CA ARG B 204 15.93 7.93 -13.73
C ARG B 204 16.08 7.13 -15.01
N ILE B 205 15.37 5.98 -15.09
CA ILE B 205 15.55 5.13 -16.24
C ILE B 205 14.39 5.30 -17.25
N ASP B 206 14.78 5.60 -18.47
CA ASP B 206 13.85 5.89 -19.57
C ASP B 206 13.25 4.58 -20.10
N THR B 207 12.07 4.66 -20.70
CA THR B 207 11.54 3.57 -21.53
C THR B 207 11.59 2.18 -20.88
N VAL B 208 11.17 2.10 -19.63
CA VAL B 208 11.32 0.83 -18.91
C VAL B 208 10.44 -0.25 -19.45
N LYS B 209 9.24 0.13 -19.84
CA LYS B 209 8.27 -0.91 -20.29
C LYS B 209 8.68 -1.52 -21.64
N HIS B 210 9.67 -0.93 -22.30
CA HIS B 210 10.06 -1.36 -23.64
C HIS B 210 11.19 -2.35 -23.58
N VAL B 211 11.64 -2.68 -22.37
CA VAL B 211 12.71 -3.68 -22.13
C VAL B 211 12.08 -4.78 -21.26
N GLN B 212 12.29 -6.06 -21.60
CA GLN B 212 11.73 -7.18 -20.82
C GLN B 212 12.15 -7.11 -19.38
N LYS B 213 11.23 -7.48 -18.50
CA LYS B 213 11.41 -7.34 -17.05
C LYS B 213 12.73 -7.87 -16.46
N ASP B 214 13.17 -9.05 -16.93
CA ASP B 214 14.38 -9.72 -16.37
C ASP B 214 15.72 -8.99 -16.64
N PHE B 215 15.62 -7.92 -17.43
CA PHE B 215 16.80 -7.12 -17.68
C PHE B 215 17.07 -6.26 -16.43
N TRP B 216 15.99 -5.83 -15.80
CA TRP B 216 16.09 -4.70 -14.84
C TRP B 216 16.71 -5.03 -13.47
N PRO B 217 16.45 -6.20 -12.89
CA PRO B 217 17.11 -6.38 -11.57
C PRO B 217 18.63 -6.21 -11.67
N GLY B 218 19.22 -6.82 -12.68
CA GLY B 218 20.67 -6.79 -12.88
C GLY B 218 21.20 -5.38 -13.13
N TYR B 219 20.40 -4.58 -13.84
CA TYR B 219 20.78 -3.19 -14.11
C TYR B 219 20.69 -2.34 -12.86
N ASN B 220 19.60 -2.49 -12.10
CA ASN B 220 19.45 -1.72 -10.83
C ASN B 220 20.60 -2.13 -9.90
N LYS B 221 20.88 -3.43 -9.83
CA LYS B 221 22.01 -3.87 -8.98
C LYS B 221 23.34 -3.32 -9.44
N ALA B 222 23.58 -3.36 -10.75
CA ALA B 222 24.84 -2.86 -11.27
C ALA B 222 24.94 -1.37 -10.97
N ALA B 223 23.86 -0.61 -11.08
CA ALA B 223 23.96 0.83 -10.79
C ALA B 223 24.42 1.12 -9.37
N GLY B 224 24.05 0.23 -8.45
CA GLY B 224 24.42 0.46 -7.03
C GLY B 224 23.73 1.63 -6.34
N VAL B 225 22.66 2.15 -6.93
CA VAL B 225 21.96 3.32 -6.38
C VAL B 225 20.49 3.16 -6.71
N TYR B 226 19.70 3.95 -6.04
CA TYR B 226 18.24 4.02 -6.33
C TYR B 226 17.99 4.33 -7.77
N CYS B 227 17.11 3.55 -8.38
CA CYS B 227 16.69 3.77 -9.72
C CYS B 227 15.15 3.93 -9.75
N ILE B 228 14.73 5.00 -10.42
CA ILE B 228 13.31 5.26 -10.67
C ILE B 228 13.04 5.13 -12.15
N GLY B 229 12.12 4.23 -12.52
CA GLY B 229 11.91 4.01 -13.95
C GLY B 229 10.68 4.68 -14.55
N GLU B 230 10.81 5.09 -15.80
CA GLU B 230 9.68 5.62 -16.54
C GLU B 230 8.90 4.48 -17.17
N VAL B 231 7.75 4.17 -16.57
CA VAL B 231 6.84 3.21 -17.15
C VAL B 231 5.59 4.00 -17.57
N LEU B 232 5.50 4.26 -18.86
CA LEU B 232 4.54 5.24 -19.37
C LEU B 232 3.14 4.57 -19.52
N ASP B 233 2.42 4.48 -18.41
CA ASP B 233 1.10 3.85 -18.41
C ASP B 233 0.39 4.28 -17.14
N GLY B 234 -0.87 4.74 -17.28
CA GLY B 234 -1.75 5.15 -16.20
C GLY B 234 -2.34 4.05 -15.34
N ASP B 235 -2.22 2.80 -15.80
CA ASP B 235 -2.90 1.69 -15.14
C ASP B 235 -1.96 1.13 -14.12
N PRO B 236 -2.30 1.25 -12.83
CA PRO B 236 -1.42 0.80 -11.77
C PRO B 236 -1.15 -0.70 -11.81
N ALA B 237 -2.10 -1.46 -12.39
CA ALA B 237 -1.98 -2.91 -12.54
C ALA B 237 -0.94 -3.27 -13.61
N TYR B 238 -0.65 -2.35 -14.51
CA TYR B 238 0.45 -2.53 -15.45
C TYR B 238 1.73 -1.95 -14.89
N THR B 239 1.60 -0.72 -14.36
CA THR B 239 2.77 0.04 -13.98
C THR B 239 3.43 -0.41 -12.67
N CYS B 240 2.61 -0.67 -11.67
CA CYS B 240 3.18 -0.89 -10.34
C CYS B 240 4.01 -2.20 -10.25
N PRO B 241 3.62 -3.25 -10.97
CA PRO B 241 4.49 -4.46 -10.94
C PRO B 241 5.97 -4.26 -11.33
N TYR B 242 6.28 -3.15 -11.98
CA TYR B 242 7.65 -2.94 -12.37
C TYR B 242 8.47 -2.57 -11.13
N GLN B 243 7.80 -2.16 -10.06
CA GLN B 243 8.54 -1.99 -8.79
C GLN B 243 9.04 -3.33 -8.21
N ASN B 244 8.64 -4.48 -8.80
CA ASN B 244 9.20 -5.73 -8.34
C ASN B 244 10.53 -6.02 -9.01
N VAL B 245 10.88 -5.22 -10.02
CA VAL B 245 12.16 -5.32 -10.72
C VAL B 245 13.06 -4.07 -10.67
N MET B 246 12.56 -2.97 -10.10
CA MET B 246 13.28 -1.72 -10.06
C MET B 246 12.91 -1.02 -8.76
N ASP B 247 13.77 -0.19 -8.17
CA ASP B 247 13.36 0.39 -6.85
C ASP B 247 12.07 1.23 -6.83
N GLY B 248 11.91 2.07 -7.85
CA GLY B 248 10.81 3.04 -7.89
C GLY B 248 10.34 3.12 -9.33
N VAL B 249 9.11 3.62 -9.54
CA VAL B 249 8.71 4.08 -10.86
C VAL B 249 8.06 5.46 -10.72
N LEU B 250 8.02 6.20 -11.81
CA LEU B 250 7.38 7.51 -11.83
C LEU B 250 5.87 7.24 -11.70
N ASN B 251 5.16 8.05 -10.96
CA ASN B 251 3.77 7.73 -10.64
C ASN B 251 2.77 8.20 -11.75
N TYR B 252 2.90 7.62 -12.93
CA TYR B 252 1.95 7.84 -13.99
C TYR B 252 0.49 7.49 -13.61
N PRO B 253 0.30 6.40 -12.82
CA PRO B 253 -1.06 6.13 -12.32
C PRO B 253 -1.71 7.33 -11.62
N ILE B 254 -0.96 8.02 -10.75
CA ILE B 254 -1.50 9.22 -10.10
C ILE B 254 -1.59 10.46 -11.03
N TYR B 255 -0.62 10.58 -11.92
CA TYR B 255 -0.55 11.69 -12.87
C TYR B 255 -1.94 12.04 -13.50
N TYR B 256 -2.54 11.06 -14.16
CA TYR B 256 -3.75 11.40 -14.88
C TYR B 256 -4.90 11.90 -14.01
N PRO B 257 -5.31 11.17 -12.96
CA PRO B 257 -6.37 11.76 -12.14
C PRO B 257 -5.95 13.00 -11.40
N LEU B 258 -4.65 13.13 -11.10
CA LEU B 258 -4.18 14.37 -10.42
C LEU B 258 -4.34 15.59 -11.30
N LEU B 259 -3.89 15.46 -12.54
CA LEU B 259 -4.08 16.51 -13.51
C LEU B 259 -5.56 16.85 -13.65
N ASN B 260 -6.39 15.83 -13.85
CA ASN B 260 -7.80 16.07 -14.07
C ASN B 260 -8.50 16.75 -12.91
N ALA B 261 -8.10 16.39 -11.69
CA ALA B 261 -8.64 16.98 -10.46
C ALA B 261 -8.44 18.50 -10.39
N PHE B 262 -7.27 19.00 -10.82
CA PHE B 262 -6.92 20.41 -10.61
C PHE B 262 -6.86 21.27 -11.88
N LYS B 263 -7.01 20.66 -13.03
CA LYS B 263 -6.85 21.43 -14.24
C LYS B 263 -8.11 22.27 -14.57
N SER B 264 -9.19 22.03 -13.84
CA SER B 264 -10.41 22.84 -13.98
C SER B 264 -11.24 22.78 -12.71
N THR B 265 -12.15 23.75 -12.54
CA THR B 265 -12.96 23.84 -11.34
C THR B 265 -14.01 22.75 -11.28
N SER B 266 -14.11 21.95 -12.32
CA SER B 266 -15.02 20.80 -12.27
C SER B 266 -14.31 19.43 -12.31
N GLY B 267 -13.02 19.41 -11.95
CA GLY B 267 -12.24 18.18 -12.02
C GLY B 267 -12.71 17.17 -10.99
N SER B 268 -12.45 15.87 -11.18
CA SER B 268 -12.94 14.85 -10.25
C SER B 268 -12.03 14.61 -9.02
N MET B 269 -12.48 14.96 -7.81
CA MET B 269 -11.69 14.65 -6.61
C MET B 269 -11.81 13.13 -6.34
N ASP B 270 -12.95 12.56 -6.74
CA ASP B 270 -13.21 11.15 -6.55
C ASP B 270 -12.15 10.30 -7.22
N ASP B 271 -11.78 10.63 -8.45
CA ASP B 271 -10.90 9.75 -9.22
C ASP B 271 -9.50 9.86 -8.59
N LEU B 272 -9.13 11.04 -8.12
CA LEU B 272 -7.82 11.16 -7.41
C LEU B 272 -7.82 10.40 -6.10
N TYR B 273 -8.85 10.61 -5.29
CA TYR B 273 -9.01 9.91 -4.04
C TYR B 273 -8.88 8.39 -4.27
N ASN B 274 -9.53 7.87 -5.31
CA ASN B 274 -9.57 6.45 -5.52
C ASN B 274 -8.22 5.94 -6.00
N MET B 275 -7.55 6.71 -6.86
CA MET B 275 -6.22 6.32 -7.27
C MET B 275 -5.21 6.35 -6.13
N ILE B 276 -5.21 7.37 -5.26
CA ILE B 276 -4.25 7.33 -4.17
C ILE B 276 -4.40 6.02 -3.39
N ASN B 277 -5.65 5.66 -3.10
CA ASN B 277 -5.94 4.41 -2.38
C ASN B 277 -5.59 3.16 -3.13
N THR B 278 -5.85 3.17 -4.43
CA THR B 278 -5.39 2.04 -5.24
C THR B 278 -3.88 1.84 -5.22
N VAL B 279 -3.12 2.93 -5.44
CA VAL B 279 -1.68 2.86 -5.44
C VAL B 279 -1.15 2.47 -4.02
N LYS B 280 -1.75 3.04 -2.98
CA LYS B 280 -1.36 2.78 -1.59
C LYS B 280 -1.42 1.26 -1.33
N SER B 281 -2.53 0.64 -1.72
CA SER B 281 -2.82 -0.79 -1.46
C SER B 281 -2.09 -1.76 -2.38
N ASP B 282 -1.95 -1.44 -3.66
CA ASP B 282 -1.51 -2.43 -4.66
C ASP B 282 -0.09 -2.22 -5.21
N CYS B 283 0.46 -1.03 -5.07
CA CYS B 283 1.87 -0.85 -5.41
C CYS B 283 2.83 -1.41 -4.35
N PRO B 284 3.95 -2.06 -4.77
CA PRO B 284 4.88 -2.59 -3.78
C PRO B 284 5.26 -1.60 -2.71
N ASP B 285 5.54 -0.36 -3.06
CA ASP B 285 5.88 0.62 -2.01
C ASP B 285 5.62 2.01 -2.58
N SER B 286 4.45 2.54 -2.26
CA SER B 286 4.11 3.88 -2.75
C SER B 286 5.13 4.95 -2.36
N THR B 287 5.88 4.72 -1.29
CA THR B 287 6.76 5.76 -0.76
C THR B 287 8.08 5.86 -1.53
N LEU B 288 8.27 4.96 -2.50
CA LEU B 288 9.40 4.98 -3.43
C LEU B 288 8.98 5.34 -4.88
N LEU B 289 7.72 5.79 -5.04
CA LEU B 289 7.35 6.35 -6.33
C LEU B 289 7.64 7.85 -6.47
N GLY B 290 7.63 8.35 -7.71
CA GLY B 290 7.89 9.79 -7.93
C GLY B 290 6.62 10.53 -8.33
N THR B 291 6.21 11.51 -7.53
CA THR B 291 4.98 12.23 -7.84
C THR B 291 5.25 13.45 -8.76
N PHE B 292 4.44 13.62 -9.80
CA PHE B 292 4.59 14.76 -10.72
C PHE B 292 3.24 15.10 -11.41
N VAL B 293 3.13 16.32 -11.91
CA VAL B 293 1.97 16.67 -12.74
C VAL B 293 2.47 17.32 -14.03
N GLU B 294 3.78 17.44 -14.13
CA GLU B 294 4.34 18.18 -15.26
C GLU B 294 5.66 17.59 -15.65
N ASN B 295 5.86 17.43 -16.96
CA ASN B 295 7.11 16.92 -17.50
C ASN B 295 7.23 17.27 -18.99
N HIS B 296 8.29 16.76 -19.63
CA HIS B 296 8.63 17.17 -21.00
C HIS B 296 7.94 16.35 -22.05
N ASP B 297 7.07 15.47 -21.57
CA ASP B 297 6.32 14.53 -22.44
C ASP B 297 4.76 14.68 -22.42
N ASN B 298 4.26 15.75 -21.79
CA ASN B 298 2.83 16.04 -21.79
C ASN B 298 2.71 17.54 -21.72
N PRO B 299 1.55 18.07 -22.05
CA PRO B 299 1.41 19.53 -21.94
C PRO B 299 1.62 19.98 -20.48
N ARG B 300 2.15 21.18 -20.29
CA ARG B 300 2.37 21.63 -18.93
C ARG B 300 1.04 21.91 -18.24
N PHE B 301 1.06 21.97 -16.91
CA PHE B 301 -0.16 22.22 -16.17
C PHE B 301 -0.87 23.51 -16.63
N ALA B 302 -0.11 24.61 -16.74
CA ALA B 302 -0.70 25.91 -17.10
C ALA B 302 -1.22 25.96 -18.55
N SER B 303 -0.86 24.98 -19.38
CA SER B 303 -1.43 24.89 -20.73
C SER B 303 -2.91 24.55 -20.65
N TYR B 304 -3.32 23.90 -19.56
CA TYR B 304 -4.69 23.59 -19.31
C TYR B 304 -5.43 24.71 -18.60
N THR B 305 -4.76 25.44 -17.70
CA THR B 305 -5.42 26.52 -17.01
C THR B 305 -4.36 27.42 -16.44
N ASN B 306 -4.55 28.73 -16.58
CA ASN B 306 -3.66 29.71 -15.94
C ASN B 306 -4.04 30.11 -14.52
N ASP B 307 -5.03 29.42 -13.94
CA ASP B 307 -5.49 29.73 -12.61
C ASP B 307 -4.40 29.44 -11.61
N ILE B 308 -3.89 30.51 -10.98
CA ILE B 308 -2.72 30.35 -10.11
C ILE B 308 -3.03 29.53 -8.83
N ALA B 309 -4.27 29.66 -8.37
CA ALA B 309 -4.73 28.88 -7.22
C ALA B 309 -4.76 27.41 -7.55
N LEU B 310 -5.23 27.03 -8.75
CA LEU B 310 -5.20 25.64 -9.17
C LEU B 310 -3.74 25.11 -9.25
N ALA B 311 -2.84 25.89 -9.85
CA ALA B 311 -1.41 25.55 -9.93
C ALA B 311 -0.80 25.38 -8.52
N LYS B 312 -1.12 26.28 -7.60
CA LYS B 312 -0.66 26.13 -6.23
C LYS B 312 -1.10 24.81 -5.58
N ASN B 313 -2.37 24.42 -5.79
CA ASN B 313 -2.89 23.15 -5.21
C ASN B 313 -2.20 21.92 -5.78
N VAL B 314 -2.04 21.92 -7.11
CA VAL B 314 -1.42 20.76 -7.70
C VAL B 314 0.01 20.66 -7.21
N ALA B 315 0.71 21.79 -7.11
CA ALA B 315 2.13 21.73 -6.64
C ALA B 315 2.24 21.28 -5.16
N ALA B 316 1.30 21.71 -4.34
CA ALA B 316 1.31 21.28 -2.95
C ALA B 316 1.08 19.78 -2.90
N PHE B 317 0.15 19.30 -3.71
CA PHE B 317 -0.05 17.85 -3.79
C PHE B 317 1.23 17.10 -4.10
N ILE B 318 1.94 17.52 -5.13
CA ILE B 318 3.15 16.82 -5.57
C ILE B 318 4.15 16.77 -4.43
N ILE B 319 4.25 17.86 -3.69
CA ILE B 319 5.27 17.90 -2.60
C ILE B 319 4.91 17.05 -1.37
N LEU B 320 3.61 17.05 -1.06
CA LEU B 320 3.08 16.39 0.14
C LEU B 320 2.54 14.92 -0.01
N ASN B 321 2.50 14.43 -1.24
CA ASN B 321 2.06 13.02 -1.53
C ASN B 321 3.14 12.01 -1.02
N ASP B 322 2.78 10.73 -0.82
CA ASP B 322 3.83 9.69 -0.61
C ASP B 322 4.82 9.77 -1.74
N GLY B 323 6.08 9.42 -1.45
CA GLY B 323 7.03 9.25 -2.54
C GLY B 323 7.87 10.52 -2.72
N ILE B 324 8.51 10.63 -3.86
CA ILE B 324 9.47 11.72 -4.04
C ILE B 324 8.81 12.76 -4.94
N PRO B 325 8.68 13.99 -4.47
CA PRO B 325 8.16 15.12 -5.27
C PRO B 325 9.07 15.32 -6.44
N ILE B 326 8.47 15.58 -7.63
CA ILE B 326 9.28 15.90 -8.82
C ILE B 326 8.66 17.07 -9.53
N ILE B 327 9.33 18.22 -9.50
CA ILE B 327 8.85 19.44 -10.16
C ILE B 327 9.69 19.68 -11.43
N TYR B 328 9.03 19.96 -12.55
CA TYR B 328 9.74 20.11 -13.83
C TYR B 328 10.09 21.58 -14.07
N ALA B 329 11.40 21.89 -14.20
CA ALA B 329 11.84 23.26 -14.50
C ALA B 329 10.88 24.05 -15.41
N GLY B 330 10.41 25.19 -14.92
CA GLY B 330 9.44 26.03 -15.61
C GLY B 330 8.11 25.98 -14.91
N GLN B 331 7.81 24.84 -14.28
CA GLN B 331 6.57 24.76 -13.52
C GLN B 331 6.45 25.91 -12.51
N GLU B 332 7.55 26.19 -11.86
CA GLU B 332 7.53 27.20 -10.77
C GLU B 332 7.45 28.65 -11.27
N GLN B 333 7.70 28.82 -12.58
CA GLN B 333 7.42 30.06 -13.31
C GLN B 333 6.12 30.02 -14.14
N HIS B 334 5.27 29.04 -13.87
CA HIS B 334 3.93 29.01 -14.48
C HIS B 334 4.00 28.88 -16.01
N TYR B 335 5.04 28.22 -16.50
CA TYR B 335 5.16 27.98 -17.95
C TYR B 335 3.97 27.17 -18.47
N ALA B 336 3.56 27.42 -19.72
CA ALA B 336 2.26 26.91 -20.25
C ALA B 336 2.35 26.24 -21.62
N GLY B 337 3.54 25.78 -21.98
CA GLY B 337 3.75 25.13 -23.26
C GLY B 337 2.96 23.85 -23.38
N GLY B 338 2.52 23.57 -24.59
CA GLY B 338 1.75 22.33 -24.83
C GLY B 338 2.68 21.15 -25.10
N ASN B 339 2.20 20.18 -25.88
CA ASN B 339 3.06 19.04 -26.17
C ASN B 339 4.40 19.37 -26.86
N ASP B 340 5.39 18.50 -26.61
CA ASP B 340 6.71 18.44 -27.28
C ASP B 340 6.62 18.83 -28.78
N PRO B 341 7.32 19.89 -29.18
CA PRO B 341 8.42 20.55 -28.40
C PRO B 341 8.06 21.73 -27.52
N ALA B 342 6.78 22.07 -27.43
CA ALA B 342 6.40 23.31 -26.75
C ALA B 342 6.61 23.33 -25.23
N ASN B 343 6.74 22.14 -24.63
CA ASN B 343 7.00 22.05 -23.17
C ASN B 343 8.49 21.97 -22.78
N ARG B 344 9.37 22.25 -23.74
CA ARG B 344 10.82 22.27 -23.50
C ARG B 344 11.38 23.69 -23.51
N GLU B 345 10.57 24.61 -22.98
CA GLU B 345 10.98 26.02 -22.83
C GLU B 345 12.24 26.18 -21.99
N ALA B 346 13.00 27.23 -22.32
CA ALA B 346 14.22 27.54 -21.61
C ALA B 346 13.86 28.25 -20.33
N THR B 347 14.42 27.74 -19.22
CA THR B 347 14.11 28.27 -17.91
C THR B 347 14.72 29.70 -17.79
N TRP B 348 15.80 29.96 -18.51
CA TRP B 348 16.51 31.24 -18.29
C TRP B 348 15.66 32.40 -18.73
N LEU B 349 14.72 32.16 -19.63
CA LEU B 349 13.99 33.22 -20.24
C LEU B 349 13.01 33.83 -19.25
N SER B 350 12.71 33.10 -18.17
CA SER B 350 11.87 33.62 -17.07
C SER B 350 12.58 34.71 -16.30
N GLY B 351 13.90 34.78 -16.41
CA GLY B 351 14.69 35.61 -15.50
C GLY B 351 14.98 34.99 -14.13
N TYR B 352 14.48 33.77 -13.89
CA TYR B 352 14.65 33.09 -12.60
C TYR B 352 14.16 33.86 -11.36
N PRO B 353 12.98 34.48 -11.43
CA PRO B 353 12.54 35.30 -10.28
C PRO B 353 12.29 34.41 -9.07
N THR B 354 12.82 34.80 -7.93
CA THR B 354 12.60 34.01 -6.72
C THR B 354 11.41 34.56 -5.94
N ASP B 355 10.66 35.46 -6.57
CA ASP B 355 9.50 36.08 -5.91
C ASP B 355 8.19 35.75 -6.61
N SER B 356 8.22 34.80 -7.56
CA SER B 356 7.03 34.41 -8.29
C SER B 356 6.10 33.63 -7.38
N GLU B 357 4.82 33.58 -7.73
CA GLU B 357 3.85 32.96 -6.81
C GLU B 357 4.17 31.50 -6.57
N LEU B 358 4.55 30.77 -7.61
CA LEU B 358 4.78 29.35 -7.44
C LEU B 358 6.16 29.03 -6.86
N TYR B 359 7.14 29.88 -7.12
CA TYR B 359 8.44 29.73 -6.46
C TYR B 359 8.20 29.74 -4.93
N LYS B 360 7.39 30.68 -4.46
CA LYS B 360 7.14 30.85 -3.03
C LYS B 360 6.27 29.73 -2.44
N LEU B 361 5.24 29.31 -3.17
CA LEU B 361 4.44 28.18 -2.75
C LEU B 361 5.32 26.92 -2.60
N ILE B 362 6.10 26.62 -3.61
CA ILE B 362 6.94 25.44 -3.58
C ILE B 362 7.99 25.52 -2.45
N ALA B 363 8.53 26.72 -2.22
CA ALA B 363 9.46 26.90 -1.13
C ALA B 363 8.75 26.56 0.20
N SER B 364 7.51 27.03 0.37
CA SER B 364 6.82 26.82 1.63
C SER B 364 6.42 25.38 1.86
N ALA B 365 5.91 24.73 0.81
CA ALA B 365 5.60 23.32 0.90
C ALA B 365 6.86 22.45 1.14
N ASN B 366 7.92 22.67 0.37
CA ASN B 366 9.16 21.92 0.64
C ASN B 366 9.67 22.26 2.07
N ALA B 367 9.45 23.48 2.52
CA ALA B 367 10.02 23.89 3.83
C ALA B 367 9.39 23.02 4.92
N ILE B 368 8.08 22.87 4.86
CA ILE B 368 7.43 22.09 5.89
C ILE B 368 7.70 20.59 5.73
N ARG B 369 7.84 20.11 4.49
CA ARG B 369 8.10 18.69 4.29
C ARG B 369 9.51 18.38 4.84
N ASN B 370 10.47 19.23 4.45
CA ASN B 370 11.85 19.07 4.92
C ASN B 370 11.96 19.16 6.45
N TYR B 371 11.25 20.13 7.01
CA TYR B 371 11.21 20.28 8.47
C TYR B 371 10.64 19.06 9.12
N ALA B 372 9.45 18.65 8.68
CA ALA B 372 8.80 17.49 9.24
C ALA B 372 9.67 16.24 9.19
N ILE B 373 10.35 16.03 8.08
CA ILE B 373 11.22 14.85 7.96
C ILE B 373 12.33 14.95 8.98
N SER B 374 12.82 16.17 9.21
CA SER B 374 13.97 16.34 10.09
C SER B 374 13.59 15.94 11.51
N LYS B 375 12.28 16.00 11.81
CA LYS B 375 11.79 15.77 13.17
C LYS B 375 11.02 14.48 13.34
N ASP B 376 10.77 13.76 12.23
CA ASP B 376 9.86 12.64 12.22
C ASP B 376 10.42 11.55 11.28
N THR B 377 11.23 10.66 11.84
CA THR B 377 11.75 9.49 11.11
C THR B 377 10.67 8.65 10.41
N GLY B 378 9.43 8.75 10.90
CA GLY B 378 8.32 8.01 10.34
C GLY B 378 7.56 8.71 9.21
N PHE B 379 7.95 9.94 8.92
CA PHE B 379 7.19 10.71 7.98
C PHE B 379 7.17 10.05 6.63
N VAL B 380 8.35 9.72 6.12
CA VAL B 380 8.42 9.22 4.77
C VAL B 380 7.84 7.82 4.54
N THR B 381 7.72 7.03 5.62
CA THR B 381 7.19 5.66 5.51
C THR B 381 5.73 5.58 5.91
N TYR B 382 5.18 6.66 6.41
CA TYR B 382 3.75 6.68 6.78
C TYR B 382 2.98 6.90 5.47
N LYS B 383 2.10 5.98 5.14
CA LYS B 383 1.40 6.06 3.86
C LYS B 383 0.32 7.12 3.89
N ASN B 384 0.43 8.08 2.98
CA ASN B 384 -0.52 9.16 2.86
C ASN B 384 -1.95 8.71 2.90
N TRP B 385 -2.78 9.41 3.64
CA TRP B 385 -4.14 8.95 3.90
C TRP B 385 -5.17 10.05 3.60
N PRO B 386 -5.96 9.86 2.52
CA PRO B 386 -7.07 10.78 2.23
C PRO B 386 -8.20 10.62 3.24
N ILE B 387 -8.48 11.68 3.97
CA ILE B 387 -9.41 11.61 5.07
C ILE B 387 -10.74 12.29 4.75
N TYR B 388 -10.81 12.99 3.62
CA TYR B 388 -11.99 13.80 3.25
C TYR B 388 -12.01 14.12 1.76
N LYS B 389 -13.19 14.12 1.16
CA LYS B 389 -13.39 14.64 -0.19
C LYS B 389 -14.83 15.07 -0.37
N ASP B 390 -15.01 16.06 -1.21
CA ASP B 390 -16.33 16.49 -1.64
C ASP B 390 -16.13 16.91 -3.08
N ASP B 391 -17.13 17.56 -3.68
CA ASP B 391 -17.05 17.95 -5.08
C ASP B 391 -15.81 18.81 -5.44
N THR B 392 -15.35 19.62 -4.48
CA THR B 392 -14.31 20.58 -4.80
C THR B 392 -13.06 20.48 -3.88
N THR B 393 -12.95 19.39 -3.11
CA THR B 393 -11.98 19.33 -1.99
C THR B 393 -11.48 17.94 -1.77
N ILE B 394 -10.18 17.84 -1.42
CA ILE B 394 -9.63 16.61 -0.91
C ILE B 394 -8.68 17.00 0.20
N ALA B 395 -8.76 16.27 1.31
CA ALA B 395 -7.86 16.47 2.47
C ALA B 395 -7.12 15.19 2.75
N MET B 396 -5.87 15.31 3.15
CA MET B 396 -5.06 14.10 3.34
C MET B 396 -4.13 14.27 4.51
N ARG B 397 -3.76 13.16 5.10
CA ARG B 397 -2.94 13.24 6.31
C ARG B 397 -1.74 12.32 6.18
N LYS B 398 -0.58 12.79 6.65
CA LYS B 398 0.64 12.05 6.52
C LYS B 398 1.60 12.45 7.65
N GLY B 399 2.15 11.43 8.31
CA GLY B 399 3.12 11.68 9.37
C GLY B 399 2.71 11.08 10.68
N THR B 400 3.69 11.01 11.59
CA THR B 400 3.48 10.39 12.91
C THR B 400 2.55 11.25 13.77
N ASP B 401 1.62 10.61 14.48
CA ASP B 401 0.68 11.28 15.37
C ASP B 401 1.39 12.27 16.26
N GLY B 402 0.80 13.43 16.36
CA GLY B 402 1.38 14.49 17.13
C GLY B 402 2.21 15.40 16.26
N SER B 403 2.61 14.87 15.08
CA SER B 403 3.44 15.57 14.11
C SER B 403 2.92 15.51 12.66
N GLN B 404 1.67 15.12 12.47
CA GLN B 404 1.21 14.87 11.10
C GLN B 404 0.97 16.16 10.32
N ILE B 405 1.23 16.11 9.00
CA ILE B 405 0.91 17.23 8.18
C ILE B 405 -0.45 16.95 7.61
N VAL B 406 -1.38 17.91 7.74
CA VAL B 406 -2.72 17.65 7.18
C VAL B 406 -3.00 18.68 6.11
N THR B 407 -3.27 18.21 4.89
CA THR B 407 -3.26 19.11 3.74
C THR B 407 -4.67 19.15 3.18
N ILE B 408 -5.25 20.35 3.06
CA ILE B 408 -6.57 20.45 2.43
C ILE B 408 -6.42 21.13 1.10
N LEU B 409 -6.81 20.44 0.04
CA LEU B 409 -6.66 20.99 -1.31
C LEU B 409 -8.03 21.24 -1.99
N SER B 410 -8.08 22.16 -2.95
CA SER B 410 -9.34 22.64 -3.48
C SER B 410 -9.20 22.87 -4.97
N ASN B 411 -10.29 22.65 -5.72
CA ASN B 411 -10.27 23.08 -7.12
C ASN B 411 -11.31 24.18 -7.40
N LYS B 412 -11.68 24.93 -6.36
CA LYS B 412 -12.58 26.10 -6.54
C LYS B 412 -11.90 27.21 -7.35
N GLY B 413 -10.58 27.17 -7.47
CA GLY B 413 -9.87 28.17 -8.25
C GLY B 413 -9.83 29.56 -7.63
N ALA B 414 -9.16 30.49 -8.30
CA ALA B 414 -8.87 31.82 -7.74
C ALA B 414 -10.12 32.66 -7.41
N SER B 415 -11.25 32.33 -8.03
CA SER B 415 -12.47 33.05 -7.72
C SER B 415 -13.28 32.38 -6.60
N GLY B 416 -12.68 31.37 -5.97
CA GLY B 416 -13.38 30.58 -4.97
C GLY B 416 -13.96 31.44 -3.86
N ASP B 417 -15.14 31.08 -3.38
CA ASP B 417 -15.75 31.80 -2.23
C ASP B 417 -15.06 31.47 -0.90
N SER B 418 -15.36 32.27 0.12
CA SER B 418 -14.82 32.09 1.46
C SER B 418 -15.83 31.41 2.35
N TYR B 419 -15.36 30.39 3.07
CA TYR B 419 -16.19 29.58 3.93
C TYR B 419 -15.31 28.77 4.85
N THR B 420 -15.92 28.08 5.80
CA THR B 420 -15.16 27.32 6.77
C THR B 420 -15.46 25.88 6.54
N LEU B 421 -14.43 25.07 6.29
CA LEU B 421 -14.65 23.63 6.25
C LEU B 421 -14.44 23.07 7.65
N SER B 422 -15.43 22.37 8.17
CA SER B 422 -15.27 21.66 9.43
C SER B 422 -14.61 20.28 9.21
N LEU B 423 -13.29 20.22 9.41
CA LEU B 423 -12.55 19.03 8.93
C LEU B 423 -12.40 17.94 9.99
N SER B 424 -13.01 16.80 9.74
CA SER B 424 -12.96 15.71 10.69
C SER B 424 -11.89 14.69 10.31
N GLY B 425 -11.38 13.97 11.29
CA GLY B 425 -10.48 12.84 11.02
C GLY B 425 -9.02 13.22 10.89
N ALA B 426 -8.69 14.47 11.27
CA ALA B 426 -7.32 14.97 11.12
C ALA B 426 -6.39 14.37 12.17
N GLY B 427 -6.92 13.99 13.33
CA GLY B 427 -6.13 13.22 14.28
C GLY B 427 -5.42 14.10 15.28
N TYR B 428 -5.69 15.40 15.24
CA TYR B 428 -5.07 16.32 16.23
C TYR B 428 -5.88 16.41 17.52
N THR B 429 -5.23 16.75 18.63
CA THR B 429 -5.94 16.79 19.89
C THR B 429 -6.80 18.09 20.09
N ALA B 430 -8.02 17.91 20.57
CA ALA B 430 -8.89 19.05 20.91
C ALA B 430 -8.12 20.18 21.60
N GLY B 431 -8.37 21.41 21.15
CA GLY B 431 -7.78 22.63 21.74
C GLY B 431 -6.39 22.96 21.22
N GLN B 432 -5.77 22.03 20.50
CA GLN B 432 -4.42 22.21 20.00
C GLN B 432 -4.31 23.28 18.88
N GLN B 433 -3.23 24.03 18.89
CA GLN B 433 -3.03 25.07 17.92
C GLN B 433 -2.30 24.52 16.74
N LEU B 434 -2.84 24.80 15.55
CA LEU B 434 -2.18 24.44 14.32
C LEU B 434 -1.74 25.66 13.56
N THR B 435 -0.67 25.51 12.79
CA THR B 435 -0.25 26.60 11.91
C THR B 435 -0.53 26.17 10.46
N GLU B 436 -1.20 27.01 9.72
CA GLU B 436 -1.43 26.78 8.28
C GLU B 436 -0.18 27.37 7.62
N VAL B 437 0.75 26.51 7.17
CA VAL B 437 2.11 26.96 6.87
C VAL B 437 2.29 27.62 5.50
N ILE B 438 1.24 27.66 4.71
CA ILE B 438 1.38 28.28 3.39
C ILE B 438 1.11 29.78 3.57
N GLY B 439 0.04 30.11 4.26
CA GLY B 439 -0.35 31.51 4.48
C GLY B 439 0.03 32.01 5.87
N CYS B 440 0.63 31.11 6.66
CA CYS B 440 1.10 31.42 8.01
C CYS B 440 0.03 31.92 8.98
N THR B 441 -1.17 31.40 8.88
CA THR B 441 -2.17 31.67 9.91
C THR B 441 -2.16 30.56 10.96
N THR B 442 -2.87 30.78 12.06
CA THR B 442 -3.11 29.68 13.00
C THR B 442 -4.60 29.31 13.13
N VAL B 443 -4.88 28.07 13.53
CA VAL B 443 -6.24 27.56 13.75
C VAL B 443 -6.21 26.70 15.04
N THR B 444 -7.35 26.64 15.74
CA THR B 444 -7.47 25.83 16.96
C THR B 444 -8.38 24.63 16.69
N VAL B 445 -7.89 23.44 17.01
CA VAL B 445 -8.72 22.27 16.90
C VAL B 445 -9.92 22.44 17.83
N GLY B 446 -11.12 22.13 17.32
CA GLY B 446 -12.32 22.24 18.14
C GLY B 446 -12.37 21.24 19.28
N SER B 447 -13.23 21.50 20.26
CA SER B 447 -13.40 20.57 21.35
C SER B 447 -14.10 19.30 20.87
N ASP B 448 -14.72 19.35 19.70
CA ASP B 448 -15.31 18.16 19.08
C ASP B 448 -14.28 17.36 18.26
N GLY B 449 -13.04 17.83 18.27
CA GLY B 449 -11.99 17.20 17.50
C GLY B 449 -11.97 17.62 16.02
N ASN B 450 -12.93 18.42 15.59
CA ASN B 450 -12.92 18.92 14.21
C ASN B 450 -12.04 20.16 14.05
N VAL B 451 -11.48 20.34 12.87
CA VAL B 451 -10.65 21.50 12.63
C VAL B 451 -11.42 22.46 11.75
N PRO B 452 -11.67 23.68 12.25
CA PRO B 452 -12.40 24.63 11.40
C PRO B 452 -11.45 25.28 10.40
N VAL B 453 -11.40 24.80 9.15
CA VAL B 453 -10.40 25.34 8.21
C VAL B 453 -11.02 26.48 7.37
N PRO B 454 -10.51 27.71 7.53
CA PRO B 454 -10.97 28.79 6.66
C PRO B 454 -10.46 28.49 5.26
N MET B 455 -11.41 28.39 4.34
CA MET B 455 -11.14 28.21 2.91
C MET B 455 -11.39 29.55 2.23
N ALA B 456 -10.52 29.93 1.29
CA ALA B 456 -10.70 31.21 0.56
C ALA B 456 -9.79 31.23 -0.64
N GLY B 457 -10.23 31.96 -1.67
CA GLY B 457 -9.46 32.10 -2.91
C GLY B 457 -9.00 30.78 -3.55
N GLY B 458 -9.70 29.69 -3.23
CA GLY B 458 -9.37 28.31 -3.69
C GLY B 458 -7.93 27.90 -3.30
N LEU B 459 -7.41 28.46 -2.20
CA LEU B 459 -6.03 28.21 -1.82
C LEU B 459 -5.80 26.89 -1.11
N PRO B 460 -4.58 26.30 -1.28
CA PRO B 460 -4.24 25.12 -0.49
C PRO B 460 -3.96 25.51 0.94
N ARG B 461 -4.38 24.65 1.86
CA ARG B 461 -4.08 24.84 3.28
C ARG B 461 -3.27 23.61 3.72
N VAL B 462 -2.18 23.87 4.44
CA VAL B 462 -1.30 22.82 4.94
C VAL B 462 -1.08 23.05 6.45
N LEU B 463 -1.61 22.15 7.25
CA LEU B 463 -1.61 22.24 8.72
C LEU B 463 -0.52 21.41 9.38
N TYR B 464 0.03 21.93 10.49
CA TYR B 464 1.07 21.25 11.25
C TYR B 464 1.05 21.87 12.64
N PRO B 465 1.24 21.05 13.67
CA PRO B 465 1.07 21.57 15.05
C PRO B 465 2.03 22.74 15.39
N THR B 466 1.47 23.85 15.89
CA THR B 466 2.31 25.00 16.14
C THR B 466 3.39 24.67 17.17
N GLU B 467 3.03 23.91 18.21
CA GLU B 467 4.00 23.53 19.25
C GLU B 467 5.20 22.82 18.63
N LYS B 468 4.98 22.10 17.51
CA LYS B 468 6.05 21.33 16.88
C LYS B 468 6.97 22.17 16.01
N LEU B 469 6.58 23.41 15.77
CA LEU B 469 7.36 24.28 14.91
C LEU B 469 8.36 25.07 15.72
N ALA B 470 8.38 24.82 17.03
CA ALA B 470 9.21 25.66 17.94
C ALA B 470 10.63 25.70 17.44
N GLY B 471 11.13 26.92 17.30
CA GLY B 471 12.53 27.11 16.93
C GLY B 471 12.79 27.11 15.45
N SER B 472 11.85 26.60 14.66
CA SER B 472 12.04 26.58 13.19
C SER B 472 11.81 27.96 12.58
N LYS B 473 12.22 28.13 11.33
CA LYS B 473 12.12 29.40 10.66
C LYS B 473 10.75 29.56 9.96
N ILE B 474 9.91 28.56 10.08
CA ILE B 474 8.68 28.55 9.30
C ILE B 474 7.63 29.46 9.94
N CYS B 475 7.09 30.36 9.13
CA CYS B 475 6.06 31.27 9.61
C CYS B 475 6.54 32.06 10.83
N SER B 476 7.80 32.46 10.78
CA SER B 476 8.47 33.18 11.87
C SER B 476 7.58 34.30 12.38
C2 BGC C . -7.09 -2.70 26.43
C3 BGC C . -6.32 -3.87 25.90
C4 BGC C . -5.76 -4.62 27.11
C5 BGC C . -6.84 -4.92 28.14
C6 BGC C . -6.23 -5.65 29.34
C1 BGC C . -8.14 -3.16 27.43
O1 BGC C . -8.79 -2.00 27.91
O2 BGC C . -7.64 -1.96 25.36
O3 BGC C . -5.28 -3.37 25.08
O4 BGC C . -5.30 -5.86 26.64
O5 BGC C . -7.45 -3.71 28.54
O6 BGC C . -5.45 -4.75 30.08
C1 GLC C . -3.89 -5.98 26.80
C2 GLC C . -3.29 -6.38 25.44
C3 GLC C . -3.79 -7.74 25.00
C4 GLC C . -3.58 -8.79 26.10
C5 GLC C . -4.14 -8.27 27.45
C6 GLC C . -3.86 -9.20 28.66
O2 GLC C . -3.54 -5.44 24.38
O3 GLC C . -3.06 -8.08 23.84
O4 GLC C . -4.32 -9.92 25.62
O5 GLC C . -3.64 -6.98 27.77
O6 GLC C . -2.47 -9.33 28.90
C1 GLC D . -2.39 -11.10 21.34
C2 GLC D . -3.02 -12.47 21.18
C3 GLC D . -3.36 -12.83 22.62
C4 GLC D . -2.06 -13.10 23.33
C5 GLC D . -1.33 -11.77 23.40
C6 GLC D . 0.06 -11.90 23.99
O1 GLC D . -3.25 -10.23 22.05
O2 GLC D . -4.06 -12.31 20.23
O3 GLC D . -4.18 -13.98 22.81
O4 GLC D . -2.43 -13.42 24.64
O5 GLC D . -1.22 -11.25 22.08
O6 GLC D . 0.97 -11.63 22.99
C1 GLC D . -1.60 -14.48 25.10
C2 GLC D . -2.32 -15.81 25.29
C3 GLC D . -3.27 -15.71 26.48
C4 GLC D . -2.67 -15.02 27.69
C5 GLC D . -1.96 -13.74 27.30
C6 GLC D . -1.07 -13.22 28.44
O2 GLC D . -3.01 -16.25 24.12
O3 GLC D . -3.57 -17.01 26.83
O4 GLC D . -3.70 -14.75 28.64
O5 GLC D . -1.04 -14.05 26.29
O6 GLC D . 0.24 -13.15 27.95
C2 BGC E . -16.72 4.78 17.82
C3 BGC E . -15.87 4.24 18.98
C4 BGC E . -16.28 2.87 19.50
C5 BGC E . -17.02 2.18 18.36
C6 BGC E . -17.34 0.70 18.50
C1 BGC E . -17.99 4.01 17.40
O1 BGC E . -19.10 4.87 17.43
O2 BGC E . -15.90 4.90 16.67
O3 BGC E . -15.90 5.18 20.03
O4 BGC E . -15.14 2.15 19.94
O5 BGC E . -18.22 2.89 18.21
O6 BGC E . -18.49 0.52 19.30
C1 GLC E . -15.15 1.95 21.38
C2 GLC E . -13.79 1.38 21.91
C3 GLC E . -13.72 -0.13 21.63
C4 GLC E . -14.88 -0.65 22.45
C5 GLC E . -16.11 -0.26 21.68
C6 GLC E . -17.26 -1.05 22.26
O2 GLC E . -12.65 2.07 21.44
O3 GLC E . -12.52 -0.79 22.01
O4 GLC E . -14.83 -2.03 22.67
O5 GLC E . -16.25 1.16 21.82
O6 GLC E . -16.70 -1.92 23.24
C1 GLC F . -23.44 4.61 -2.20
C2 GLC F . -22.66 3.61 -1.33
C3 GLC F . -21.45 3.03 -2.07
C4 GLC F . -21.82 2.53 -3.44
C5 GLC F . -22.54 3.65 -4.19
C6 GLC F . -22.97 3.16 -5.56
O1 GLC F . -22.71 5.79 -2.38
O2 GLC F . -22.28 4.19 -0.10
O3 GLC F . -20.93 1.93 -1.36
O4 GLC F . -20.61 2.25 -4.07
O5 GLC F . -23.68 4.06 -3.48
O6 GLC F . -23.56 4.23 -6.26
C1 GLC F . -20.54 0.91 -4.59
C2 GLC F . -19.26 0.21 -4.08
C3 GLC F . -18.08 0.74 -4.85
C4 GLC F . -18.29 0.56 -6.34
C5 GLC F . -19.54 1.29 -6.77
C6 GLC F . -19.77 0.99 -8.26
O2 GLC F . -19.10 0.45 -2.70
O3 GLC F . -16.88 0.12 -4.50
O4 GLC F . -17.14 0.99 -7.06
O5 GLC F . -20.67 0.85 -6.00
O6 GLC F . -21.15 1.13 -8.52
C1 GLC G . 10.77 8.65 -22.71
C2 GLC G . 11.29 10.09 -22.50
C3 GLC G . 10.95 10.83 -23.78
C4 GLC G . 11.78 10.20 -24.89
C5 GLC G . 11.45 8.71 -25.09
C6 GLC G . 12.43 7.99 -26.05
O1 GLC G . 9.34 8.54 -22.77
O2 GLC G . 10.77 10.65 -21.28
O3 GLC G . 11.23 12.23 -23.77
O4 GLC G . 11.38 10.93 -26.00
O5 GLC G . 11.41 8.03 -23.84
O6 GLC G . 13.70 7.85 -25.43
C1 GLC G . 12.53 11.41 -26.72
C2 GLC G . 12.46 12.93 -26.89
C3 GLC G . 11.31 13.32 -27.83
C4 GLC G . 11.26 12.42 -29.09
C5 GLC G . 11.41 10.96 -28.69
C6 GLC G . 11.39 10.02 -29.90
O2 GLC G . 12.42 13.64 -25.62
O3 GLC G . 11.45 14.67 -28.18
O4 GLC G . 10.05 12.57 -29.79
O5 GLC G . 12.59 10.76 -27.96
O6 GLC G . 12.37 10.39 -30.81
C2 BGC H . 1.72 4.42 -25.52
C3 BGC H . 3.05 5.13 -25.34
C4 BGC H . 3.59 5.59 -26.68
C5 BGC H . 2.49 6.48 -27.29
C6 BGC H . 2.91 7.15 -28.60
C1 BGC H . 0.75 5.19 -26.43
O1 BGC H . -0.31 4.34 -26.87
O2 BGC H . 1.15 4.15 -24.25
O3 BGC H . 3.94 4.21 -24.80
O4 BGC H . 4.81 6.29 -26.47
O5 BGC H . 1.40 5.65 -27.60
O6 BGC H . 2.74 6.18 -29.60
C1 GLC H . 5.96 5.62 -27.02
C2 GLC H . 7.06 5.51 -25.94
C3 GLC H . 7.42 6.94 -25.49
C4 GLC H . 7.68 7.87 -26.66
C5 GLC H . 6.75 7.71 -27.86
C6 GLC H . 7.40 8.37 -29.08
O2 GLC H . 6.70 4.77 -24.79
O3 GLC H . 8.56 6.89 -24.65
O4 GLC H . 7.66 9.21 -26.14
O5 GLC H . 6.48 6.34 -28.15
O6 GLC H . 6.97 9.73 -29.17
C1 NAG I . 16.63 -19.66 8.17
C2 NAG I . 16.89 -19.17 9.60
C3 NAG I . 18.30 -18.63 9.81
C4 NAG I . 19.35 -19.62 9.28
C5 NAG I . 18.99 -20.02 7.85
C6 NAG I . 19.98 -21.09 7.37
C7 NAG I . 15.01 -18.26 10.79
C8 NAG I . 14.16 -17.08 11.18
N2 NAG I . 16.00 -18.08 9.92
O3 NAG I . 18.58 -18.37 11.18
O4 NAG I . 20.62 -18.98 9.30
O5 NAG I . 17.67 -20.56 7.83
O6 NAG I . 19.47 -22.38 7.71
O7 NAG I . 14.80 -19.39 11.25
CA CA J . 6.11 -2.29 23.25
C1 NAG K . 34.88 6.30 -16.91
C2 NAG K . 34.36 5.42 -18.08
C3 NAG K . 35.13 4.12 -18.18
C4 NAG K . 36.60 4.48 -18.35
C5 NAG K . 37.09 5.12 -17.05
C6 NAG K . 38.43 5.84 -17.31
C7 NAG K . 31.98 5.79 -18.46
C8 NAG K . 30.61 5.14 -18.58
N2 NAG K . 32.96 5.08 -17.91
O3 NAG K . 34.70 3.29 -19.25
O4 NAG K . 37.37 3.32 -18.68
O5 NAG K . 36.16 5.99 -16.38
O6 NAG K . 38.26 7.00 -18.09
O7 NAG K . 32.16 6.95 -18.86
CA CA L . 13.14 -2.84 -26.51
#